data_8B2Y
#
_entry.id   8B2Y
#
_cell.length_a   182.904
_cell.length_b   182.904
_cell.length_c   155.870
_cell.angle_alpha   90.000
_cell.angle_beta   90.000
_cell.angle_gamma   120.000
#
_symmetry.space_group_name_H-M   'P 65'
#
loop_
_entity.id
_entity.type
_entity.pdbx_description
1 polymer 'CsiFP4 chain A'
2 non-polymer 'SULFATE ION'
3 non-polymer 'CHLORIDE ION'
4 water water
#
_entity_poly.entity_id   1
_entity_poly.type   'polypeptide(L)'
_entity_poly.pdbx_seq_one_letter_code
;MNMNIGSVVFQKPIPFVVQFEGDINGKKFSVAGKGIGDANSGKFEGKHICTTGDLPISWGAIACLL(CRQ)MPCFAKYPN
DVPDYIKSTFPEGFQRESLVEFGNDGRYIAKQKVTLENGIIYNRGTITGDGFNENGKIMRRELQDKVAPMLTYYYPEDDG
LKCIFNQLINGNNEDFQEVKMSQKITPLSDGPTAPRKLHYQHITLDLRKDSSEAADHIVITENAKAVSAEKYAKACF
;
_entity_poly.pdbx_strand_id   A,B,C,D
#
# COMPACT_ATOMS: atom_id res chain seq x y z
N MET A 3 -10.51 -10.03 23.06
CA MET A 3 -9.59 -10.41 21.99
C MET A 3 -9.30 -9.23 21.07
N ASN A 4 -8.02 -9.01 20.81
CA ASN A 4 -7.55 -7.92 19.96
C ASN A 4 -6.88 -8.53 18.73
N ILE A 5 -7.21 -7.98 17.56
CA ILE A 5 -6.75 -8.50 16.28
C ILE A 5 -5.24 -8.34 16.10
N GLY A 6 -4.68 -7.21 16.53
CA GLY A 6 -3.26 -6.96 16.35
C GLY A 6 -2.39 -8.04 16.95
N SER A 7 -2.92 -8.75 17.96
CA SER A 7 -2.16 -9.82 18.61
C SER A 7 -1.81 -10.94 17.65
N VAL A 8 -2.59 -11.13 16.57
CA VAL A 8 -2.31 -12.22 15.66
C VAL A 8 -1.25 -11.85 14.61
N VAL A 9 -1.21 -10.57 14.20
CA VAL A 9 -0.26 -10.17 13.17
C VAL A 9 1.18 -10.18 13.71
N PHE A 10 1.37 -9.83 14.98
CA PHE A 10 2.70 -9.77 15.58
C PHE A 10 3.10 -11.07 16.27
N GLN A 11 2.40 -12.17 16.02
CA GLN A 11 2.72 -13.43 16.68
C GLN A 11 3.94 -14.13 16.10
N LYS A 12 4.43 -13.69 14.95
CA LYS A 12 5.65 -14.17 14.34
C LYS A 12 6.54 -12.97 14.06
N PRO A 13 7.86 -13.18 13.90
CA PRO A 13 8.72 -12.05 13.54
C PRO A 13 8.32 -11.43 12.21
N ILE A 14 8.33 -10.11 12.17
CA ILE A 14 7.88 -9.34 11.01
C ILE A 14 9.03 -8.44 10.57
N PRO A 15 9.36 -8.37 9.29
CA PRO A 15 10.31 -7.35 8.83
C PRO A 15 9.69 -5.96 8.94
N PHE A 16 10.55 -4.96 9.11
CA PHE A 16 10.10 -3.57 9.15
C PHE A 16 11.01 -2.70 8.30
N VAL A 17 10.46 -1.55 7.90
CA VAL A 17 11.14 -0.57 7.06
C VAL A 17 10.94 0.80 7.70
N VAL A 18 12.04 1.54 7.88
CA VAL A 18 12.00 2.87 8.50
C VAL A 18 12.39 3.92 7.47
N GLN A 19 11.66 5.02 7.45
CA GLN A 19 11.90 6.13 6.52
C GLN A 19 11.71 7.45 7.26
N PHE A 20 12.78 8.24 7.34
CA PHE A 20 12.75 9.49 8.08
C PHE A 20 13.32 10.63 7.25
N GLU A 21 12.65 11.78 7.29
CA GLU A 21 13.13 13.04 6.73
C GLU A 21 13.33 14.02 7.87
N GLY A 22 14.46 14.70 7.88
CA GLY A 22 14.80 15.56 9.00
C GLY A 22 15.33 16.91 8.58
N ASP A 23 15.21 17.86 9.50
CA ASP A 23 15.74 19.21 9.30
C ASP A 23 15.97 19.77 10.70
N ILE A 24 17.22 19.73 11.15
CA ILE A 24 17.61 20.21 12.46
C ILE A 24 18.67 21.30 12.27
N ASN A 25 18.40 22.49 12.83
CA ASN A 25 19.28 23.65 12.67
C ASN A 25 19.54 23.96 11.19
N GLY A 26 18.51 23.80 10.37
CA GLY A 26 18.63 24.06 8.95
C GLY A 26 19.36 23.00 8.16
N LYS A 27 19.84 21.94 8.81
CA LYS A 27 20.57 20.87 8.15
C LYS A 27 19.59 19.75 7.79
N LYS A 28 19.35 19.56 6.50
CA LYS A 28 18.41 18.54 6.04
C LYS A 28 19.10 17.19 5.95
N PHE A 29 18.38 16.14 6.35
CA PHE A 29 18.91 14.79 6.28
C PHE A 29 17.77 13.81 5.98
N SER A 30 18.16 12.62 5.53
CA SER A 30 17.22 11.53 5.27
C SER A 30 17.84 10.23 5.74
N VAL A 31 17.05 9.43 6.46
CA VAL A 31 17.48 8.14 6.98
C VAL A 31 16.59 7.06 6.37
N ALA A 32 17.22 5.96 5.96
CA ALA A 32 16.50 4.80 5.45
C ALA A 32 17.02 3.56 6.16
N GLY A 33 16.11 2.77 6.72
CA GLY A 33 16.49 1.61 7.49
C GLY A 33 15.54 0.44 7.28
N LYS A 34 15.98 -0.71 7.77
CA LYS A 34 15.18 -1.94 7.72
C LYS A 34 15.66 -2.86 8.82
N GLY A 35 14.76 -3.73 9.27
CA GLY A 35 15.11 -4.65 10.31
C GLY A 35 14.00 -5.66 10.52
N ILE A 36 14.04 -6.30 11.69
CA ILE A 36 13.06 -7.32 12.04
C ILE A 36 12.64 -7.13 13.49
N GLY A 37 11.37 -7.32 13.75
CA GLY A 37 10.84 -7.22 15.11
C GLY A 37 10.09 -8.48 15.49
N ASP A 38 10.31 -8.91 16.73
CA ASP A 38 9.68 -10.11 17.27
C ASP A 38 8.96 -9.69 18.55
N ALA A 39 7.64 -9.49 18.46
CA ALA A 39 6.88 -9.09 19.64
C ALA A 39 6.76 -10.21 20.65
N ASN A 40 7.14 -11.43 20.28
CA ASN A 40 7.12 -12.54 21.24
C ASN A 40 8.22 -12.38 22.26
N SER A 41 9.35 -11.80 21.87
CA SER A 41 10.47 -11.57 22.76
C SER A 41 10.66 -10.11 23.13
N GLY A 42 10.09 -9.19 22.37
CA GLY A 42 10.32 -7.77 22.60
C GLY A 42 11.58 -7.25 21.96
N LYS A 43 12.24 -8.05 21.15
CA LYS A 43 13.48 -7.67 20.47
C LYS A 43 13.15 -7.23 19.05
N PHE A 44 13.63 -6.05 18.68
CA PHE A 44 13.62 -5.65 17.28
C PHE A 44 14.92 -4.93 16.96
N GLU A 45 15.56 -5.36 15.86
CA GLU A 45 16.89 -4.94 15.49
C GLU A 45 16.86 -4.43 14.06
N GLY A 46 17.47 -3.28 13.82
CA GLY A 46 17.48 -2.71 12.48
C GLY A 46 18.78 -1.98 12.21
N LYS A 47 19.07 -1.85 10.91
CA LYS A 47 20.21 -1.09 10.43
C LYS A 47 19.69 0.12 9.66
N HIS A 48 20.15 1.31 10.03
CA HIS A 48 19.66 2.55 9.46
C HIS A 48 20.83 3.35 8.92
N ILE A 49 20.69 3.86 7.70
CA ILE A 49 21.75 4.59 7.01
C ILE A 49 21.25 6.00 6.70
N CYS A 50 22.15 6.97 6.79
CA CYS A 50 21.86 8.35 6.38
C CYS A 50 22.15 8.48 4.89
N THR A 51 21.08 8.53 4.09
CA THR A 51 21.21 8.54 2.64
C THR A 51 21.63 9.90 2.07
N THR A 52 21.63 10.95 2.88
CA THR A 52 22.03 12.28 2.41
C THR A 52 23.49 12.60 2.74
N GLY A 53 24.21 11.67 3.35
CA GLY A 53 25.59 11.90 3.70
C GLY A 53 25.85 11.51 5.15
N ASP A 54 26.35 12.45 5.94
CA ASP A 54 26.52 12.25 7.36
C ASP A 54 25.32 12.80 8.12
N LEU A 55 24.88 12.07 9.14
CA LEU A 55 23.79 12.57 9.97
C LEU A 55 24.27 13.81 10.72
N PRO A 56 23.54 14.92 10.68
CA PRO A 56 24.03 16.16 11.31
C PRO A 56 24.04 16.12 12.83
N ILE A 57 23.50 15.07 13.45
CA ILE A 57 23.44 14.95 14.90
C ILE A 57 23.85 13.54 15.28
N SER A 58 24.12 13.36 16.57
CA SER A 58 24.46 12.03 17.08
C SER A 58 23.32 11.07 16.83
N TRP A 59 23.67 9.83 16.45
CA TRP A 59 22.66 8.82 16.16
C TRP A 59 21.78 8.55 17.38
N GLY A 60 22.36 8.59 18.58
CA GLY A 60 21.59 8.38 19.78
C GLY A 60 20.44 9.35 19.96
N ALA A 61 20.57 10.55 19.39
CA ALA A 61 19.53 11.56 19.51
C ALA A 61 18.26 11.22 18.74
N ILE A 62 18.30 10.25 17.83
CA ILE A 62 17.10 9.84 17.09
C ILE A 62 16.90 8.33 17.18
N ALA A 63 17.69 7.66 18.00
CA ALA A 63 17.69 6.19 18.01
C ALA A 63 16.29 5.63 18.24
N CYS A 64 15.62 6.06 19.31
CA CYS A 64 14.32 5.53 19.65
C CYS A 64 13.20 6.25 18.92
N LEU A 65 13.50 6.87 17.79
CA LEU A 65 12.51 7.28 16.81
C LEU A 65 12.58 6.46 15.52
N LEU A 66 13.75 6.05 15.20
CA LEU A 66 13.93 5.02 14.19
C LEU A 66 13.28 3.72 14.71
N MET A 68 9.00 1.89 17.06
CA MET A 68 7.91 0.96 16.82
C MET A 68 7.55 0.19 18.09
N PRO A 69 6.89 0.87 19.04
CA PRO A 69 6.55 0.22 20.32
C PRO A 69 5.54 -0.93 20.17
N CYS A 70 5.06 -1.17 18.95
CA CYS A 70 4.22 -2.33 18.71
C CYS A 70 5.00 -3.63 18.88
N PHE A 71 6.32 -3.60 18.71
CA PHE A 71 7.15 -4.79 18.88
C PHE A 71 7.49 -5.08 20.33
N ALA A 72 7.07 -4.25 21.27
CA ALA A 72 7.32 -4.53 22.68
C ALA A 72 6.53 -5.76 23.11
N LYS A 73 7.13 -6.55 24.00
CA LYS A 73 6.49 -7.76 24.52
C LYS A 73 5.51 -7.36 25.62
N TYR A 74 4.22 -7.51 25.34
CA TYR A 74 3.19 -7.15 26.30
C TYR A 74 2.65 -8.39 27.00
N PRO A 75 2.67 -8.43 28.33
CA PRO A 75 2.01 -9.54 29.04
C PRO A 75 0.50 -9.39 28.95
N ASN A 76 -0.19 -10.48 29.28
CA ASN A 76 -1.64 -10.48 29.16
C ASN A 76 -2.32 -9.63 30.23
N ASP A 77 -1.68 -9.41 31.36
CA ASP A 77 -2.27 -8.53 32.37
C ASP A 77 -2.03 -7.06 32.07
N VAL A 78 -1.66 -6.72 30.83
CA VAL A 78 -1.52 -5.34 30.39
C VAL A 78 -2.23 -5.20 29.06
N PRO A 79 -3.27 -4.37 28.95
CA PRO A 79 -3.96 -4.20 27.66
C PRO A 79 -3.07 -3.52 26.64
N ASP A 80 -2.88 -4.17 25.49
CA ASP A 80 -1.96 -3.69 24.45
C ASP A 80 -2.73 -2.77 23.51
N TYR A 81 -2.74 -1.48 23.85
CA TYR A 81 -3.45 -0.50 23.04
C TYR A 81 -2.76 -0.28 21.69
N ILE A 82 -1.43 -0.27 21.68
CA ILE A 82 -0.69 0.04 20.46
C ILE A 82 -0.94 -1.02 19.39
N LYS A 83 -0.87 -2.30 19.78
CA LYS A 83 -1.14 -3.36 18.82
C LYS A 83 -2.59 -3.35 18.36
N SER A 84 -3.53 -2.98 19.24
CA SER A 84 -4.94 -3.00 18.88
C SER A 84 -5.28 -2.02 17.75
N THR A 85 -4.43 -1.02 17.51
CA THR A 85 -4.69 -0.08 16.42
C THR A 85 -4.44 -0.69 15.05
N PHE A 86 -3.91 -1.89 14.98
CA PHE A 86 -3.64 -2.54 13.71
C PHE A 86 -4.85 -3.33 13.24
N PRO A 87 -4.94 -3.65 11.93
CA PRO A 87 -3.98 -3.47 10.84
C PRO A 87 -3.81 -2.02 10.36
N GLU A 88 -4.74 -1.13 10.72
CA GLU A 88 -4.68 0.23 10.21
C GLU A 88 -3.40 0.95 10.65
N GLY A 89 -2.97 0.72 11.88
CA GLY A 89 -1.75 1.33 12.39
C GLY A 89 -2.05 2.50 13.31
N PHE A 90 -0.97 3.17 13.72
CA PHE A 90 -1.08 4.27 14.65
C PHE A 90 -0.14 5.40 14.23
N GLN A 91 -0.38 6.59 14.79
CA GLN A 91 0.48 7.74 14.62
C GLN A 91 0.96 8.21 15.99
N ARG A 92 2.15 8.80 16.02
CA ARG A 92 2.76 9.24 17.26
C ARG A 92 3.48 10.56 17.04
N GLU A 93 3.13 11.57 17.84
CA GLU A 93 3.81 12.85 17.85
C GLU A 93 4.72 12.93 19.07
N SER A 94 5.93 13.42 18.87
CA SER A 94 6.94 13.44 19.92
C SER A 94 7.56 14.82 20.01
N LEU A 95 7.70 15.32 21.24
CA LEU A 95 8.49 16.51 21.52
C LEU A 95 9.75 16.04 22.23
N VAL A 96 10.89 16.20 21.57
CA VAL A 96 12.16 15.73 22.09
C VAL A 96 12.99 16.94 22.49
N GLU A 97 13.35 17.03 23.76
CA GLU A 97 14.08 18.17 24.31
C GLU A 97 15.40 17.69 24.87
N PHE A 98 16.48 18.36 24.50
CA PHE A 98 17.82 18.00 24.95
C PHE A 98 18.30 19.04 25.96
N GLY A 99 18.90 18.55 27.05
CA GLY A 99 19.31 19.43 28.12
C GLY A 99 20.42 20.37 27.69
N ASN A 100 20.21 21.67 27.85
CA ASN A 100 21.16 22.71 27.45
C ASN A 100 21.51 22.65 25.98
N ASP A 101 20.62 22.05 25.19
CA ASP A 101 20.74 22.05 23.74
C ASP A 101 19.34 22.28 23.19
N GLY A 102 19.11 21.96 21.94
CA GLY A 102 17.88 22.30 21.26
C GLY A 102 16.77 21.31 21.50
N ARG A 103 15.73 21.41 20.67
CA ARG A 103 14.58 20.53 20.72
C ARG A 103 14.13 20.24 19.30
N TYR A 104 13.49 19.10 19.10
CA TYR A 104 12.86 18.82 17.81
C TYR A 104 11.52 18.13 18.04
N ILE A 105 10.67 18.22 17.02
CA ILE A 105 9.35 17.61 17.04
C ILE A 105 9.30 16.57 15.92
N ALA A 106 8.83 15.38 16.25
CA ALA A 106 8.68 14.31 15.27
C ALA A 106 7.24 13.86 15.19
N LYS A 107 6.78 13.60 13.96
CA LYS A 107 5.50 12.95 13.72
C LYS A 107 5.74 11.78 12.79
N GLN A 108 5.20 10.63 13.17
CA GLN A 108 5.43 9.39 12.44
C GLN A 108 4.16 8.56 12.42
N LYS A 109 4.03 7.74 11.38
CA LYS A 109 2.91 6.83 11.23
C LYS A 109 3.47 5.43 11.04
N VAL A 110 3.06 4.51 11.91
CA VAL A 110 3.51 3.13 11.86
C VAL A 110 2.37 2.30 11.29
N THR A 111 2.56 1.77 10.08
CA THR A 111 1.52 1.06 9.36
C THR A 111 1.99 -0.36 9.03
N LEU A 112 1.03 -1.19 8.66
CA LEU A 112 1.29 -2.56 8.23
C LEU A 112 0.90 -2.67 6.76
N GLU A 113 1.90 -2.85 5.90
CA GLU A 113 1.70 -2.87 4.46
C GLU A 113 2.36 -4.11 3.88
N ASN A 114 1.55 -4.98 3.28
CA ASN A 114 2.03 -6.24 2.68
C ASN A 114 2.84 -7.05 3.68
N GLY A 115 2.36 -7.12 4.92
CA GLY A 115 3.04 -7.88 5.95
C GLY A 115 4.36 -7.28 6.38
N ILE A 116 4.58 -5.99 6.15
CA ILE A 116 5.79 -5.30 6.57
C ILE A 116 5.37 -4.08 7.38
N ILE A 117 6.06 -3.84 8.48
CA ILE A 117 5.81 -2.66 9.29
C ILE A 117 6.59 -1.49 8.72
N TYR A 118 5.91 -0.38 8.49
CA TYR A 118 6.54 0.83 7.96
C TYR A 118 6.49 1.93 9.02
N ASN A 119 7.66 2.39 9.43
CA ASN A 119 7.78 3.53 10.33
C ASN A 119 8.25 4.71 9.48
N ARG A 120 7.31 5.57 9.12
CA ARG A 120 7.57 6.74 8.29
C ARG A 120 7.38 7.97 9.16
N GLY A 121 8.44 8.75 9.34
CA GLY A 121 8.38 9.89 10.23
C GLY A 121 9.15 11.07 9.68
N THR A 122 8.92 12.21 10.33
CA THR A 122 9.56 13.47 9.97
C THR A 122 10.00 14.17 11.24
N ILE A 123 11.19 14.79 11.19
CA ILE A 123 11.78 15.48 12.33
C ILE A 123 12.08 16.92 11.94
N THR A 124 11.71 17.85 12.82
CA THR A 124 12.00 19.27 12.60
C THR A 124 12.40 19.88 13.94
N GLY A 125 13.59 20.47 13.98
CA GLY A 125 14.07 21.07 15.21
C GLY A 125 15.07 22.18 14.94
N ASP A 126 15.31 22.96 16.00
CA ASP A 126 16.25 24.07 15.94
C ASP A 126 16.70 24.38 17.36
N GLY A 127 17.56 25.40 17.48
CA GLY A 127 18.04 25.81 18.78
C GLY A 127 19.12 24.94 19.36
N PHE A 128 19.75 24.09 18.55
CA PHE A 128 20.83 23.24 19.04
C PHE A 128 22.14 23.99 19.04
N ASN A 129 22.97 23.69 20.04
CA ASN A 129 24.29 24.32 20.16
C ASN A 129 25.19 23.81 19.03
N GLU A 130 25.58 24.71 18.13
CA GLU A 130 26.45 24.31 17.03
C GLU A 130 27.84 23.90 17.50
N ASN A 131 28.25 24.31 18.70
CA ASN A 131 29.50 23.87 19.29
C ASN A 131 29.28 22.81 20.37
N GLY A 132 28.08 22.20 20.39
CA GLY A 132 27.77 21.20 21.38
C GLY A 132 28.05 19.80 20.89
N LYS A 133 28.01 18.86 21.83
CA LYS A 133 28.36 17.47 21.53
C LYS A 133 27.34 16.80 20.61
N ILE A 134 26.12 17.34 20.53
CA ILE A 134 25.10 16.74 19.67
C ILE A 134 25.36 17.08 18.20
N MET A 135 25.53 18.36 17.89
CA MET A 135 25.71 18.77 16.50
C MET A 135 27.11 18.50 15.98
N ARG A 136 28.10 18.42 16.87
CA ARG A 136 29.45 18.02 16.51
C ARG A 136 29.66 16.52 16.67
N ARG A 137 28.62 15.78 17.07
CA ARG A 137 28.64 14.33 17.15
C ARG A 137 29.80 13.80 17.97
N GLU A 138 29.93 14.34 19.18
CA GLU A 138 30.97 13.93 20.11
C GLU A 138 30.43 12.98 21.19
N LEU A 139 29.12 12.72 21.18
CA LEU A 139 28.53 11.74 22.08
C LEU A 139 28.82 10.33 21.61
N GLN A 140 28.90 9.41 22.58
CA GLN A 140 29.04 8.01 22.23
C GLN A 140 27.73 7.47 21.65
N ASP A 141 27.84 6.40 20.88
CA ASP A 141 26.67 5.67 20.41
C ASP A 141 26.25 4.64 21.46
N LYS A 142 25.87 5.17 22.62
CA LYS A 142 25.53 4.36 23.79
C LYS A 142 24.40 5.05 24.55
N VAL A 143 23.30 4.35 24.76
CA VAL A 143 22.13 4.87 25.46
C VAL A 143 21.88 4.00 26.68
N ALA A 144 21.65 4.64 27.83
CA ALA A 144 21.46 3.93 29.08
C ALA A 144 20.07 3.26 29.11
N PRO A 145 19.90 2.23 29.94
CA PRO A 145 18.59 1.58 30.04
C PRO A 145 17.50 2.55 30.47
N MET A 146 16.25 2.21 30.14
CA MET A 146 15.13 3.12 30.33
C MET A 146 13.95 2.41 30.97
N LEU A 147 13.12 3.21 31.64
CA LEU A 147 11.74 2.87 31.94
C LEU A 147 10.87 4.02 31.44
N THR A 148 9.80 3.69 30.70
CA THR A 148 8.94 4.69 30.09
C THR A 148 7.53 4.56 30.62
N TYR A 149 6.85 5.69 30.80
CA TYR A 149 5.53 5.73 31.39
C TYR A 149 4.47 5.83 30.29
N TYR A 150 3.47 4.95 30.36
CA TYR A 150 2.32 5.02 29.47
C TYR A 150 1.05 5.21 30.30
N TYR A 151 0.14 6.05 29.81
CA TYR A 151 -1.10 6.35 30.51
C TYR A 151 -2.08 7.08 29.59
N PRO A 152 -3.38 6.96 29.83
CA PRO A 152 -4.35 7.60 28.93
C PRO A 152 -4.39 9.11 29.10
N GLU A 153 -4.57 9.81 28.00
CA GLU A 153 -4.78 11.26 28.00
C GLU A 153 -5.62 11.61 26.79
N ASP A 154 -6.73 12.33 27.02
CA ASP A 154 -7.70 12.67 25.98
C ASP A 154 -8.21 11.34 25.42
N ASP A 155 -8.16 11.10 24.11
N ASP A 155 -8.15 11.10 24.11
CA ASP A 155 -8.58 9.84 23.52
CA ASP A 155 -8.59 9.83 23.53
C ASP A 155 -7.42 9.08 22.91
C ASP A 155 -7.42 9.04 22.95
N GLY A 156 -6.19 9.37 23.35
CA GLY A 156 -5.03 8.63 22.91
C GLY A 156 -4.22 8.13 24.08
N LEU A 157 -3.06 7.54 23.80
CA LEU A 157 -2.17 7.04 24.84
C LEU A 157 -0.93 7.93 24.87
N LYS A 158 -0.67 8.54 26.03
CA LYS A 158 0.47 9.41 26.20
C LYS A 158 1.64 8.62 26.78
N CYS A 159 2.86 9.03 26.40
CA CYS A 159 4.07 8.38 26.87
C CYS A 159 5.12 9.44 27.18
N ILE A 160 5.69 9.35 28.38
CA ILE A 160 6.71 10.28 28.84
C ILE A 160 7.87 9.47 29.43
N PHE A 161 9.09 9.92 29.17
CA PHE A 161 10.28 9.23 29.66
C PHE A 161 11.50 10.10 29.38
N ASN A 162 12.61 9.71 30.00
CA ASN A 162 13.90 10.36 29.77
C ASN A 162 14.89 9.37 29.19
N GLN A 163 15.93 9.91 28.57
CA GLN A 163 17.00 9.14 27.96
C GLN A 163 18.32 9.79 28.32
N LEU A 164 19.35 8.96 28.52
CA LEU A 164 20.70 9.45 28.81
C LEU A 164 21.66 8.86 27.78
N ILE A 165 22.26 9.73 26.97
CA ILE A 165 23.27 9.33 26.00
C ILE A 165 24.64 9.59 26.60
N ASN A 166 25.49 8.57 26.60
CA ASN A 166 26.82 8.72 27.17
C ASN A 166 27.65 9.71 26.36
N GLY A 167 28.43 10.52 27.07
CA GLY A 167 29.38 11.40 26.44
C GLY A 167 30.78 10.81 26.49
N ASN A 168 31.70 11.45 25.77
CA ASN A 168 33.07 10.98 25.65
CA ASN A 168 33.05 10.93 25.68
C ASN A 168 33.92 11.27 26.89
N ASN A 169 33.38 11.94 27.90
CA ASN A 169 34.14 12.31 29.09
C ASN A 169 33.30 12.12 30.36
N GLU A 170 32.89 10.87 30.60
CA GLU A 170 32.15 10.45 31.78
C GLU A 170 30.91 11.30 32.03
N ASP A 171 30.36 11.92 30.99
CA ASP A 171 29.20 12.79 31.11
C ASP A 171 28.03 12.16 30.39
N PHE A 172 26.86 12.78 30.55
CA PHE A 172 25.66 12.29 29.90
C PHE A 172 24.89 13.45 29.28
N GLN A 173 24.18 13.14 28.21
CA GLN A 173 23.29 14.09 27.54
C GLN A 173 21.86 13.70 27.86
N GLU A 174 21.10 14.65 28.43
CA GLU A 174 19.73 14.37 28.81
CA GLU A 174 19.73 14.37 28.81
C GLU A 174 18.81 14.50 27.61
N VAL A 175 17.92 13.52 27.46
CA VAL A 175 16.86 13.54 26.45
C VAL A 175 15.54 13.40 27.20
N LYS A 176 14.65 14.37 26.98
CA LYS A 176 13.34 14.40 27.60
C LYS A 176 12.29 14.32 26.49
N MET A 177 11.47 13.27 26.54
CA MET A 177 10.50 13.00 25.49
C MET A 177 9.08 13.00 26.04
N SER A 178 8.15 13.52 25.23
CA SER A 178 6.74 13.59 25.56
C SER A 178 5.97 13.22 24.30
N GLN A 179 5.31 12.06 24.30
CA GLN A 179 4.71 11.48 23.10
C GLN A 179 3.21 11.26 23.28
N LYS A 180 2.51 11.22 22.14
CA LYS A 180 1.06 11.01 22.10
C LYS A 180 0.74 10.04 20.97
N ILE A 181 0.27 8.84 21.34
CA ILE A 181 -0.10 7.81 20.37
C ILE A 181 -1.60 7.82 20.16
N THR A 182 -2.04 7.85 18.90
CA THR A 182 -3.44 7.82 18.52
C THR A 182 -3.61 6.89 17.32
N PRO A 183 -4.78 6.27 17.16
CA PRO A 183 -4.98 5.35 16.03
C PRO A 183 -5.18 6.09 14.72
N LEU A 184 -4.81 5.41 13.63
CA LEU A 184 -5.02 5.95 12.30
C LEU A 184 -6.44 5.76 11.78
N SER A 185 -7.27 5.00 12.47
CA SER A 185 -8.65 4.78 12.06
C SER A 185 -9.55 4.90 13.26
N ASP A 186 -10.84 5.11 13.00
CA ASP A 186 -11.85 5.15 14.06
C ASP A 186 -12.40 3.78 14.40
N GLY A 187 -11.58 2.74 14.33
CA GLY A 187 -12.01 1.40 14.66
C GLY A 187 -11.85 1.13 16.14
N PRO A 188 -12.23 -0.07 16.58
CA PRO A 188 -12.13 -0.40 18.00
C PRO A 188 -10.70 -0.65 18.44
N THR A 189 -10.41 -0.24 19.67
CA THR A 189 -9.09 -0.39 20.28
C THR A 189 -9.22 -0.96 21.68
N ALA A 190 -8.09 -1.46 22.19
CA ALA A 190 -8.01 -2.01 23.53
C ALA A 190 -8.01 -0.89 24.57
N PRO A 191 -8.23 -1.21 25.85
CA PRO A 191 -8.23 -0.16 26.88
C PRO A 191 -6.88 0.52 27.04
N ARG A 192 -6.95 1.81 27.35
CA ARG A 192 -5.79 2.66 27.62
C ARG A 192 -5.58 2.72 29.13
N LYS A 193 -4.57 2.01 29.62
CA LYS A 193 -4.32 1.93 31.06
C LYS A 193 -2.86 2.24 31.38
N LEU A 194 -2.64 2.74 32.59
CA LEU A 194 -1.30 3.02 33.07
C LEU A 194 -0.44 1.75 33.06
N HIS A 195 0.73 1.85 32.44
CA HIS A 195 1.70 0.77 32.44
C HIS A 195 3.05 1.34 32.01
N TYR A 196 4.08 0.50 32.08
CA TYR A 196 5.44 0.91 31.80
C TYR A 196 6.05 0.01 30.74
N GLN A 197 7.15 0.49 30.14
CA GLN A 197 7.95 -0.31 29.23
C GLN A 197 9.40 -0.27 29.66
N HIS A 198 10.01 -1.45 29.78
CA HIS A 198 11.42 -1.60 30.13
C HIS A 198 12.21 -1.80 28.84
N ILE A 199 13.04 -0.81 28.50
CA ILE A 199 13.72 -0.76 27.22
C ILE A 199 15.23 -0.68 27.43
N THR A 200 15.97 -1.45 26.64
CA THR A 200 17.43 -1.37 26.59
C THR A 200 17.85 -1.29 25.13
N LEU A 201 18.72 -0.33 24.81
CA LEU A 201 19.20 -0.11 23.46
C LEU A 201 20.70 -0.37 23.38
N ASP A 202 21.13 -1.06 22.33
CA ASP A 202 22.55 -1.26 22.04
CA ASP A 202 22.54 -1.27 22.04
C ASP A 202 22.82 -0.79 20.62
N LEU A 203 23.53 0.33 20.50
CA LEU A 203 23.89 0.86 19.19
C LEU A 203 25.28 0.37 18.81
N ARG A 204 25.40 -0.19 17.61
CA ARG A 204 26.63 -0.76 17.11
CA ARG A 204 26.68 -0.67 17.13
C ARG A 204 26.79 -0.38 15.64
N LYS A 205 27.97 -0.65 15.09
CA LYS A 205 28.31 -0.33 13.71
C LYS A 205 28.65 -1.59 12.92
N ASP A 206 28.27 -1.59 11.65
CA ASP A 206 28.66 -2.63 10.70
C ASP A 206 30.01 -2.26 10.08
N SER A 207 30.96 -3.18 10.17
CA SER A 207 32.30 -2.94 9.61
C SER A 207 32.24 -2.76 8.10
N SER A 208 31.35 -3.50 7.43
CA SER A 208 31.26 -3.51 5.98
C SER A 208 30.46 -2.36 5.39
N GLU A 209 29.75 -1.58 6.22
CA GLU A 209 28.88 -0.52 5.72
C GLU A 209 29.67 0.78 5.58
N ALA A 210 29.74 1.30 4.35
CA ALA A 210 30.47 2.53 4.11
C ALA A 210 29.68 3.77 4.49
N ALA A 211 28.36 3.74 4.34
CA ALA A 211 27.56 4.91 4.64
C ALA A 211 27.53 5.20 6.14
N ASP A 212 27.19 6.43 6.48
CA ASP A 212 26.97 6.77 7.88
C ASP A 212 25.71 6.08 8.37
N HIS A 213 25.84 5.25 9.40
CA HIS A 213 24.77 4.34 9.76
C HIS A 213 24.83 4.04 11.25
N ILE A 214 23.83 3.29 11.71
CA ILE A 214 23.82 2.74 13.06
C ILE A 214 22.96 1.48 13.06
N VAL A 215 23.32 0.53 13.92
CA VAL A 215 22.59 -0.72 14.06
C VAL A 215 22.01 -0.76 15.47
N ILE A 216 20.69 -0.69 15.56
CA ILE A 216 19.99 -0.56 16.85
C ILE A 216 19.41 -1.91 17.22
N THR A 217 19.86 -2.46 18.35
CA THR A 217 19.27 -3.66 18.95
C THR A 217 18.46 -3.21 20.16
N GLU A 218 17.14 -3.34 20.06
CA GLU A 218 16.22 -2.88 21.11
C GLU A 218 15.47 -4.05 21.72
N ASN A 219 15.36 -4.04 23.05
CA ASN A 219 14.60 -5.03 23.80
C ASN A 219 13.62 -4.29 24.70
N ALA A 220 12.33 -4.35 24.34
CA ALA A 220 11.28 -3.64 25.07
C ALA A 220 10.28 -4.63 25.64
N LYS A 221 9.92 -4.42 26.91
CA LYS A 221 8.95 -5.26 27.61
C LYS A 221 7.99 -4.36 28.37
N ALA A 222 6.71 -4.67 28.31
CA ALA A 222 5.72 -3.93 29.08
C ALA A 222 5.54 -4.56 30.45
N VAL A 223 5.29 -3.71 31.44
CA VAL A 223 5.09 -4.14 32.83
C VAL A 223 3.86 -3.44 33.37
N SER A 224 2.99 -4.20 34.03
CA SER A 224 1.87 -3.58 34.74
C SER A 224 2.39 -2.83 35.96
N ALA A 225 1.60 -1.86 36.41
CA ALA A 225 1.99 -1.07 37.57
C ALA A 225 2.03 -1.92 38.83
N GLU A 226 1.17 -2.94 38.92
CA GLU A 226 1.15 -3.81 40.10
C GLU A 226 2.39 -4.68 40.15
N LYS A 227 2.82 -5.22 39.01
CA LYS A 227 4.02 -6.04 38.98
C LYS A 227 5.29 -5.21 39.06
N TYR A 228 5.29 -4.01 38.49
CA TYR A 228 6.45 -3.14 38.60
C TYR A 228 6.72 -2.73 40.05
N ALA A 229 5.66 -2.43 40.81
CA ALA A 229 5.84 -2.05 42.20
C ALA A 229 6.48 -3.17 43.01
N LYS A 230 6.17 -4.42 42.68
CA LYS A 230 6.69 -5.59 43.39
C LYS A 230 7.92 -6.18 42.71
N ALA A 231 8.87 -5.33 42.32
CA ALA A 231 9.99 -5.73 41.48
C ALA A 231 11.23 -6.09 42.30
N CYS A 232 11.95 -7.11 41.83
CA CYS A 232 13.22 -7.53 42.41
C CYS A 232 14.31 -7.33 41.38
N PHE A 233 15.35 -6.60 41.76
CA PHE A 233 16.45 -6.28 40.86
C PHE A 233 17.77 -6.93 41.30
N MET B 1 -4.54 -22.02 -12.66
CA MET B 1 -4.36 -21.49 -14.01
C MET B 1 -4.50 -19.98 -14.04
N ASN B 2 -5.13 -19.47 -15.11
CA ASN B 2 -5.22 -18.02 -15.31
C ASN B 2 -5.92 -17.30 -14.16
N MET B 3 -6.79 -17.97 -13.41
CA MET B 3 -7.68 -17.29 -12.48
C MET B 3 -7.60 -17.85 -11.06
N ASN B 4 -6.54 -18.59 -10.71
CA ASN B 4 -6.38 -19.09 -9.35
C ASN B 4 -5.19 -18.52 -8.63
N ILE B 5 -4.41 -17.63 -9.26
CA ILE B 5 -3.28 -17.04 -8.57
C ILE B 5 -3.75 -16.09 -7.48
N GLY B 6 -4.73 -15.24 -7.80
CA GLY B 6 -5.17 -14.23 -6.85
C GLY B 6 -5.67 -14.81 -5.54
N SER B 7 -6.29 -15.98 -5.60
CA SER B 7 -6.75 -16.69 -4.41
C SER B 7 -5.62 -17.18 -3.50
N VAL B 8 -4.35 -16.89 -3.84
CA VAL B 8 -3.24 -17.43 -3.06
C VAL B 8 -3.10 -16.71 -1.73
N VAL B 9 -3.59 -15.47 -1.64
CA VAL B 9 -3.50 -14.71 -0.40
C VAL B 9 -4.34 -15.34 0.69
N PHE B 10 -5.42 -16.04 0.34
CA PHE B 10 -6.32 -16.55 1.36
C PHE B 10 -5.86 -17.88 1.94
N GLN B 11 -4.63 -18.29 1.66
CA GLN B 11 -4.06 -19.49 2.26
C GLN B 11 -3.56 -19.24 3.67
N LYS B 12 -3.49 -17.98 4.08
CA LYS B 12 -3.14 -17.55 5.43
C LYS B 12 -4.27 -16.69 5.98
N PRO B 13 -4.38 -16.56 7.30
CA PRO B 13 -5.34 -15.62 7.87
C PRO B 13 -4.99 -14.20 7.45
N ILE B 14 -6.01 -13.41 7.13
CA ILE B 14 -5.85 -12.04 6.68
C ILE B 14 -6.64 -11.14 7.61
N PRO B 15 -6.06 -10.06 8.13
CA PRO B 15 -6.87 -9.08 8.86
C PRO B 15 -7.79 -8.35 7.90
N PHE B 16 -8.93 -7.89 8.42
CA PHE B 16 -9.87 -7.14 7.61
C PHE B 16 -10.35 -5.90 8.36
N VAL B 17 -10.81 -4.93 7.57
CA VAL B 17 -11.32 -3.66 8.07
C VAL B 17 -12.66 -3.40 7.42
N VAL B 18 -13.67 -3.08 8.23
CA VAL B 18 -15.03 -2.85 7.76
C VAL B 18 -15.39 -1.39 7.99
N GLN B 19 -15.95 -0.75 6.97
CA GLN B 19 -16.36 0.65 7.03
C GLN B 19 -17.71 0.79 6.35
N PHE B 20 -18.73 1.20 7.11
CA PHE B 20 -20.09 1.29 6.61
C PHE B 20 -20.72 2.62 6.98
N GLU B 21 -21.41 3.22 6.02
CA GLU B 21 -22.21 4.42 6.24
C GLU B 21 -23.67 4.04 6.00
N GLY B 22 -24.56 4.46 6.91
CA GLY B 22 -25.92 4.01 6.87
C GLY B 22 -26.90 5.16 6.99
N ASP B 23 -28.11 4.89 6.48
CA ASP B 23 -29.20 5.87 6.52
C ASP B 23 -30.49 5.05 6.45
N ILE B 24 -31.11 4.81 7.60
CA ILE B 24 -32.36 4.06 7.67
C ILE B 24 -33.41 4.93 8.35
N ASN B 25 -34.52 5.17 7.66
CA ASN B 25 -35.59 6.04 8.14
C ASN B 25 -35.06 7.42 8.49
N GLY B 26 -34.12 7.91 7.67
CA GLY B 26 -33.51 9.20 7.88
C GLY B 26 -32.49 9.26 9.00
N LYS B 27 -32.24 8.16 9.69
CA LYS B 27 -31.27 8.12 10.78
C LYS B 27 -29.94 7.67 10.23
N LYS B 28 -28.97 8.58 10.17
CA LYS B 28 -27.65 8.28 9.63
C LYS B 28 -26.74 7.70 10.70
N PHE B 29 -25.93 6.71 10.31
CA PHE B 29 -24.99 6.09 11.22
C PHE B 29 -23.74 5.67 10.46
N SER B 30 -22.67 5.41 11.20
CA SER B 30 -21.41 4.93 10.65
C SER B 30 -20.87 3.82 11.54
N VAL B 31 -20.44 2.72 10.92
CA VAL B 31 -19.87 1.59 11.63
C VAL B 31 -18.42 1.42 11.18
N ALA B 32 -17.54 1.18 12.14
CA ALA B 32 -16.13 0.90 11.87
C ALA B 32 -15.74 -0.35 12.63
N GLY B 33 -15.17 -1.32 11.92
CA GLY B 33 -14.83 -2.59 12.51
C GLY B 33 -13.53 -3.13 11.95
N LYS B 34 -13.04 -4.18 12.61
CA LYS B 34 -11.82 -4.85 12.18
C LYS B 34 -11.85 -6.27 12.71
N GLY B 35 -11.15 -7.16 12.01
CA GLY B 35 -11.10 -8.53 12.43
C GLY B 35 -10.08 -9.32 11.64
N ILE B 36 -10.23 -10.64 11.68
CA ILE B 36 -9.36 -11.56 10.97
C ILE B 36 -10.21 -12.66 10.33
N GLY B 37 -9.84 -13.05 9.12
CA GLY B 37 -10.51 -14.13 8.44
C GLY B 37 -9.54 -15.20 8.01
N ASP B 38 -9.95 -16.46 8.21
CA ASP B 38 -9.14 -17.63 7.88
C ASP B 38 -9.97 -18.49 6.93
N ALA B 39 -9.67 -18.38 5.63
CA ALA B 39 -10.43 -19.14 4.63
C ALA B 39 -10.11 -20.61 4.62
N ASN B 40 -9.04 -21.05 5.30
CA ASN B 40 -8.79 -22.49 5.39
C ASN B 40 -9.78 -23.18 6.31
N SER B 41 -10.29 -22.45 7.31
CA SER B 41 -11.28 -22.99 8.23
C SER B 41 -12.68 -22.44 7.99
N GLY B 42 -12.80 -21.30 7.32
CA GLY B 42 -14.08 -20.65 7.14
C GLY B 42 -14.50 -19.75 8.28
N LYS B 43 -13.62 -19.50 9.24
CA LYS B 43 -13.92 -18.65 10.38
C LYS B 43 -13.39 -17.25 10.14
N PHE B 44 -14.25 -16.25 10.30
CA PHE B 44 -13.80 -14.87 10.37
C PHE B 44 -14.57 -14.14 11.45
N GLU B 45 -13.83 -13.46 12.32
CA GLU B 45 -14.36 -12.83 13.53
C GLU B 45 -13.94 -11.38 13.56
N GLY B 46 -14.89 -10.49 13.84
CA GLY B 46 -14.58 -9.07 13.89
C GLY B 46 -15.41 -8.38 14.95
N LYS B 47 -14.89 -7.24 15.40
CA LYS B 47 -15.56 -6.36 16.34
C LYS B 47 -15.91 -5.07 15.63
N HIS B 48 -17.18 -4.67 15.69
CA HIS B 48 -17.66 -3.50 14.96
C HIS B 48 -18.36 -2.54 15.92
N ILE B 49 -18.01 -1.25 15.83
CA ILE B 49 -18.53 -0.23 16.72
C ILE B 49 -19.26 0.82 15.89
N CYS B 50 -20.33 1.37 16.47
CA CYS B 50 -21.06 2.49 15.88
C CYS B 50 -20.40 3.79 16.31
N THR B 51 -19.65 4.40 15.39
CA THR B 51 -18.87 5.59 15.72
C THR B 51 -19.72 6.85 15.84
N THR B 52 -21.00 6.81 15.44
CA THR B 52 -21.88 7.95 15.53
C THR B 52 -22.77 7.90 16.77
N GLY B 53 -22.62 6.89 17.62
CA GLY B 53 -23.43 6.77 18.81
C GLY B 53 -24.03 5.39 18.96
N ASP B 54 -25.36 5.32 19.06
CA ASP B 54 -26.07 4.05 19.08
C ASP B 54 -26.53 3.71 17.68
N LEU B 55 -26.43 2.43 17.33
CA LEU B 55 -26.95 1.97 16.04
C LEU B 55 -28.47 2.10 16.06
N PRO B 56 -29.08 2.75 15.05
CA PRO B 56 -30.54 2.95 15.10
C PRO B 56 -31.36 1.68 14.86
N ILE B 57 -30.73 0.56 14.54
CA ILE B 57 -31.43 -0.70 14.30
C ILE B 57 -30.67 -1.81 15.00
N SER B 58 -31.33 -2.97 15.11
CA SER B 58 -30.70 -4.13 15.72
C SER B 58 -29.45 -4.53 14.96
N TRP B 59 -28.41 -4.91 15.70
CA TRP B 59 -27.15 -5.30 15.07
C TRP B 59 -27.33 -6.49 14.15
N GLY B 60 -28.21 -7.42 14.52
CA GLY B 60 -28.47 -8.57 13.66
C GLY B 60 -28.97 -8.19 12.28
N ALA B 61 -29.62 -7.03 12.16
CA ALA B 61 -30.15 -6.57 10.89
C ALA B 61 -29.07 -6.18 9.89
N ILE B 62 -27.82 -5.99 10.33
CA ILE B 62 -26.73 -5.66 9.41
C ILE B 62 -25.57 -6.63 9.62
N ALA B 63 -25.77 -7.67 10.43
CA ALA B 63 -24.68 -8.53 10.83
C ALA B 63 -23.94 -9.12 9.63
N CYS B 64 -24.66 -9.75 8.71
CA CYS B 64 -24.03 -10.38 7.56
C CYS B 64 -23.82 -9.41 6.40
N LEU B 65 -23.75 -8.11 6.70
CA LEU B 65 -23.21 -7.13 5.78
C LEU B 65 -21.89 -6.53 6.24
N LEU B 66 -21.76 -6.43 7.56
CA LEU B 66 -20.45 -6.17 8.16
C LEU B 66 -19.56 -7.37 7.78
N MET B 68 -18.07 -10.60 3.94
CA MET B 68 -16.86 -11.01 3.22
C MET B 68 -16.87 -12.51 2.90
N PRO B 69 -17.70 -12.92 1.94
CA PRO B 69 -17.78 -14.34 1.58
C PRO B 69 -16.51 -14.92 0.98
N CYS B 70 -15.48 -14.10 0.75
CA CYS B 70 -14.20 -14.63 0.32
C CYS B 70 -13.54 -15.46 1.42
N PHE B 71 -13.88 -15.23 2.68
CA PHE B 71 -13.31 -16.00 3.78
C PHE B 71 -13.99 -17.34 4.00
N ALA B 72 -15.04 -17.66 3.24
CA ALA B 72 -15.68 -18.96 3.38
C ALA B 72 -14.75 -20.06 2.90
N LYS B 73 -14.82 -21.21 3.58
CA LYS B 73 -13.98 -22.35 3.23
C LYS B 73 -14.59 -23.08 2.05
N TYR B 74 -13.94 -23.00 0.89
CA TYR B 74 -14.43 -23.63 -0.32
C TYR B 74 -13.69 -24.94 -0.56
N PRO B 75 -14.40 -26.06 -0.68
CA PRO B 75 -13.73 -27.31 -1.05
C PRO B 75 -13.28 -27.28 -2.51
N ASN B 76 -12.42 -28.24 -2.86
CA ASN B 76 -11.83 -28.23 -4.20
C ASN B 76 -12.85 -28.59 -5.29
N ASP B 77 -13.88 -29.35 -4.94
CA ASP B 77 -14.92 -29.68 -5.92
C ASP B 77 -15.96 -28.56 -6.07
N VAL B 78 -15.65 -27.35 -5.63
CA VAL B 78 -16.52 -26.20 -5.79
C VAL B 78 -15.69 -25.04 -6.34
N PRO B 79 -15.98 -24.53 -7.53
CA PRO B 79 -15.21 -23.40 -8.07
C PRO B 79 -15.48 -22.13 -7.29
N ASP B 80 -14.41 -21.52 -6.79
CA ASP B 80 -14.51 -20.34 -5.92
C ASP B 80 -14.47 -19.09 -6.77
N TYR B 81 -15.66 -18.64 -7.21
CA TYR B 81 -15.74 -17.44 -8.03
C TYR B 81 -15.37 -16.19 -7.25
N ILE B 82 -15.78 -16.12 -5.98
CA ILE B 82 -15.59 -14.90 -5.19
C ILE B 82 -14.10 -14.64 -4.97
N LYS B 83 -13.34 -15.67 -4.61
CA LYS B 83 -11.90 -15.49 -4.41
C LYS B 83 -11.19 -15.15 -5.71
N SER B 84 -11.65 -15.69 -6.84
CA SER B 84 -10.99 -15.47 -8.12
C SER B 84 -11.00 -14.01 -8.55
N THR B 85 -11.88 -13.19 -7.98
CA THR B 85 -11.92 -11.77 -8.33
C THR B 85 -10.78 -10.96 -7.72
N PHE B 86 -9.97 -11.57 -6.86
CA PHE B 86 -8.86 -10.88 -6.23
C PHE B 86 -7.59 -10.98 -7.07
N PRO B 87 -6.60 -10.09 -6.83
CA PRO B 87 -6.45 -9.08 -5.79
C PRO B 87 -7.35 -7.84 -5.93
N GLU B 88 -7.93 -7.61 -7.06
CA GLU B 88 -8.69 -6.40 -7.26
C GLU B 88 -9.95 -6.38 -6.46
N GLY B 89 -10.56 -7.52 -6.28
CA GLY B 89 -11.72 -7.60 -5.41
C GLY B 89 -13.03 -7.71 -6.18
N PHE B 90 -14.11 -7.66 -5.42
CA PHE B 90 -15.45 -7.83 -5.96
C PHE B 90 -16.40 -6.79 -5.38
N GLN B 91 -17.59 -6.74 -5.95
CA GLN B 91 -18.65 -5.81 -5.57
C GLN B 91 -19.93 -6.61 -5.35
N ARG B 92 -20.71 -6.21 -4.34
CA ARG B 92 -21.95 -6.92 -4.04
C ARG B 92 -23.03 -5.91 -3.68
N GLU B 93 -24.12 -5.93 -4.44
CA GLU B 93 -25.31 -5.13 -4.14
C GLU B 93 -26.39 -6.04 -3.60
N SER B 94 -27.04 -5.61 -2.52
CA SER B 94 -27.97 -6.44 -1.77
C SER B 94 -29.27 -5.70 -1.53
N LEU B 95 -30.38 -6.39 -1.72
CA LEU B 95 -31.70 -5.93 -1.32
C LEU B 95 -32.12 -6.75 -0.10
N VAL B 96 -32.21 -6.08 1.05
CA VAL B 96 -32.50 -6.73 2.32
C VAL B 96 -33.91 -6.35 2.74
N GLU B 97 -34.78 -7.34 2.89
CA GLU B 97 -36.19 -7.13 3.18
C GLU B 97 -36.55 -7.80 4.50
N PHE B 98 -37.22 -7.05 5.38
CA PHE B 98 -37.63 -7.54 6.69
C PHE B 98 -39.14 -7.75 6.73
N GLY B 99 -39.56 -8.85 7.36
CA GLY B 99 -40.96 -9.20 7.40
C GLY B 99 -41.77 -8.20 8.22
N ASN B 100 -42.82 -7.63 7.60
CA ASN B 100 -43.67 -6.64 8.24
CA ASN B 100 -43.68 -6.64 8.23
C ASN B 100 -42.88 -5.45 8.77
N ASP B 101 -41.71 -5.20 8.18
CA ASP B 101 -40.92 -4.02 8.48
C ASP B 101 -40.38 -3.51 7.14
N GLY B 102 -39.34 -2.70 7.18
CA GLY B 102 -38.86 -2.00 6.01
C GLY B 102 -37.90 -2.82 5.16
N ARG B 103 -37.29 -2.14 4.20
CA ARG B 103 -36.32 -2.73 3.29
CA ARG B 103 -36.31 -2.73 3.31
C ARG B 103 -35.16 -1.76 3.13
N TYR B 104 -33.96 -2.29 2.93
CA TYR B 104 -32.82 -1.44 2.65
C TYR B 104 -31.98 -2.06 1.55
N ILE B 105 -31.17 -1.21 0.91
CA ILE B 105 -30.28 -1.62 -0.17
C ILE B 105 -28.86 -1.35 0.27
N ALA B 106 -27.98 -2.33 0.08
CA ALA B 106 -26.58 -2.18 0.42
C ALA B 106 -25.72 -2.33 -0.83
N LYS B 107 -24.70 -1.50 -0.93
CA LYS B 107 -23.68 -1.61 -1.95
C LYS B 107 -22.34 -1.61 -1.24
N GLN B 108 -21.51 -2.60 -1.53
CA GLN B 108 -20.23 -2.70 -0.84
C GLN B 108 -19.17 -3.22 -1.80
N LYS B 109 -17.93 -2.85 -1.52
CA LYS B 109 -16.77 -3.29 -2.29
C LYS B 109 -15.79 -3.94 -1.34
N VAL B 110 -15.44 -5.20 -1.60
CA VAL B 110 -14.48 -5.94 -0.79
C VAL B 110 -13.19 -6.01 -1.59
N THR B 111 -12.17 -5.33 -1.12
CA THR B 111 -10.90 -5.21 -1.82
C THR B 111 -9.75 -5.71 -0.96
N LEU B 112 -8.62 -5.96 -1.60
CA LEU B 112 -7.39 -6.34 -0.94
C LEU B 112 -6.38 -5.22 -1.14
N GLU B 113 -6.03 -4.53 -0.04
CA GLU B 113 -5.15 -3.37 -0.09
C GLU B 113 -4.03 -3.57 0.93
N ASN B 114 -2.79 -3.61 0.44
CA ASN B 114 -1.61 -3.84 1.27
C ASN B 114 -1.77 -5.12 2.09
N GLY B 115 -2.30 -6.16 1.46
CA GLY B 115 -2.51 -7.42 2.14
C GLY B 115 -3.57 -7.40 3.21
N ILE B 116 -4.50 -6.44 3.17
CA ILE B 116 -5.59 -6.34 4.12
C ILE B 116 -6.90 -6.28 3.34
N ILE B 117 -7.90 -7.01 3.82
CA ILE B 117 -9.22 -6.98 3.20
C ILE B 117 -10.01 -5.80 3.74
N TYR B 118 -10.57 -5.00 2.84
CA TYR B 118 -11.38 -3.85 3.19
C TYR B 118 -12.81 -4.07 2.72
N ASN B 119 -13.75 -4.08 3.67
CA ASN B 119 -15.17 -4.16 3.36
C ASN B 119 -15.77 -2.77 3.54
N ARG B 120 -15.97 -2.06 2.43
CA ARG B 120 -16.51 -0.70 2.43
C ARG B 120 -17.87 -0.72 1.78
N GLY B 121 -18.91 -0.35 2.53
CA GLY B 121 -20.27 -0.43 2.05
C GLY B 121 -21.13 0.70 2.56
N THR B 122 -22.34 0.79 2.00
CA THR B 122 -23.34 1.77 2.39
C THR B 122 -24.69 1.09 2.50
N ILE B 123 -25.48 1.51 3.48
CA ILE B 123 -26.81 0.98 3.71
C ILE B 123 -27.81 2.12 3.64
N THR B 124 -28.85 1.96 2.84
CA THR B 124 -29.87 2.99 2.64
C THR B 124 -31.23 2.35 2.56
N GLY B 125 -32.13 2.71 3.47
CA GLY B 125 -33.46 2.14 3.48
C GLY B 125 -34.45 3.06 4.16
N ASP B 126 -35.72 2.75 4.00
CA ASP B 126 -36.80 3.49 4.64
C ASP B 126 -38.01 2.58 4.74
N GLY B 127 -39.09 3.11 5.30
CA GLY B 127 -40.30 2.33 5.46
C GLY B 127 -40.30 1.38 6.64
N PHE B 128 -39.38 1.56 7.58
CA PHE B 128 -39.35 0.70 8.76
C PHE B 128 -40.35 1.18 9.80
N ASN B 129 -40.96 0.23 10.51
CA ASN B 129 -41.91 0.55 11.57
C ASN B 129 -41.15 1.18 12.73
N GLU B 130 -41.41 2.45 13.00
CA GLU B 130 -40.74 3.14 14.09
C GLU B 130 -41.10 2.55 15.45
N ASN B 131 -42.23 1.84 15.55
CA ASN B 131 -42.60 1.13 16.76
C ASN B 131 -42.33 -0.37 16.67
N GLY B 132 -41.50 -0.80 15.72
CA GLY B 132 -41.19 -2.20 15.54
C GLY B 132 -39.91 -2.60 16.28
N LYS B 133 -39.72 -3.92 16.37
CA LYS B 133 -38.59 -4.46 17.14
C LYS B 133 -37.24 -4.14 16.51
N ILE B 134 -37.21 -3.82 15.22
CA ILE B 134 -35.94 -3.49 14.58
C ILE B 134 -35.48 -2.09 14.96
N MET B 135 -36.37 -1.10 14.83
CA MET B 135 -36.01 0.27 15.14
C MET B 135 -35.96 0.54 16.64
N ARG B 136 -36.69 -0.24 17.43
CA ARG B 136 -36.60 -0.10 18.88
C ARG B 136 -35.55 -1.02 19.48
N ARG B 137 -34.85 -1.78 18.64
CA ARG B 137 -33.75 -2.64 19.07
C ARG B 137 -34.20 -3.59 20.18
N GLU B 138 -35.32 -4.26 19.94
CA GLU B 138 -35.86 -5.23 20.89
C GLU B 138 -35.54 -6.66 20.50
N LEU B 139 -34.94 -6.86 19.32
CA LEU B 139 -34.51 -8.19 18.92
C LEU B 139 -33.25 -8.58 19.67
N GLN B 140 -33.10 -9.88 19.89
CA GLN B 140 -31.87 -10.37 20.47
C GLN B 140 -30.73 -10.26 19.47
N ASP B 141 -29.51 -10.23 19.98
CA ASP B 141 -28.33 -10.31 19.12
C ASP B 141 -27.99 -11.79 18.89
N LYS B 142 -28.92 -12.47 18.23
CA LYS B 142 -28.84 -13.91 17.99
C LYS B 142 -29.46 -14.19 16.63
N VAL B 143 -28.70 -14.83 15.74
CA VAL B 143 -29.14 -15.15 14.39
C VAL B 143 -29.06 -16.66 14.21
N ALA B 144 -30.12 -17.26 13.68
CA ALA B 144 -30.18 -18.69 13.49
C ALA B 144 -29.27 -19.13 12.34
N PRO B 145 -28.86 -20.39 12.33
CA PRO B 145 -28.01 -20.89 11.23
C PRO B 145 -28.68 -20.74 9.88
N MET B 146 -27.86 -20.72 8.84
CA MET B 146 -28.32 -20.42 7.50
C MET B 146 -27.77 -21.41 6.49
N LEU B 147 -28.49 -21.56 5.39
CA LEU B 147 -27.96 -22.08 4.13
C LEU B 147 -28.29 -21.06 3.06
N THR B 148 -27.30 -20.69 2.26
CA THR B 148 -27.47 -19.65 1.25
C THR B 148 -27.20 -20.24 -0.12
N TYR B 149 -27.97 -19.78 -1.11
CA TYR B 149 -27.91 -20.33 -2.46
C TYR B 149 -27.05 -19.42 -3.33
N TYR B 150 -26.09 -20.01 -4.04
CA TYR B 150 -25.28 -19.30 -5.01
C TYR B 150 -25.51 -19.91 -6.38
N TYR B 151 -25.59 -19.05 -7.41
CA TYR B 151 -25.85 -19.53 -8.75
C TYR B 151 -25.59 -18.43 -9.77
N PRO B 152 -25.23 -18.78 -11.01
CA PRO B 152 -24.93 -17.74 -12.00
C PRO B 152 -26.19 -17.04 -12.47
N GLU B 153 -26.07 -15.73 -12.70
CA GLU B 153 -27.13 -14.93 -13.31
C GLU B 153 -26.46 -13.78 -14.05
N ASP B 154 -26.80 -13.64 -15.33
CA ASP B 154 -26.18 -12.64 -16.21
C ASP B 154 -24.69 -12.91 -16.21
N ASP B 155 -23.83 -11.92 -15.96
CA ASP B 155 -22.39 -12.13 -15.91
C ASP B 155 -21.85 -12.17 -14.48
N GLY B 156 -22.71 -12.16 -13.48
CA GLY B 156 -22.26 -12.23 -12.11
C GLY B 156 -22.75 -13.46 -11.37
N LEU B 157 -22.47 -13.52 -10.08
CA LEU B 157 -22.91 -14.62 -9.22
C LEU B 157 -23.99 -14.08 -8.28
N LYS B 158 -25.18 -14.67 -8.35
CA LYS B 158 -26.29 -14.24 -7.52
C LYS B 158 -26.36 -15.09 -6.25
N CYS B 159 -26.84 -14.47 -5.18
CA CYS B 159 -26.96 -15.14 -3.89
C CYS B 159 -28.28 -14.74 -3.26
N ILE B 160 -29.07 -15.74 -2.85
CA ILE B 160 -30.36 -15.54 -2.20
C ILE B 160 -30.43 -16.44 -0.99
N PHE B 161 -31.03 -15.94 0.08
CA PHE B 161 -31.14 -16.68 1.33
C PHE B 161 -32.05 -15.93 2.29
N ASN B 162 -32.43 -16.62 3.36
CA ASN B 162 -33.21 -16.03 4.45
C ASN B 162 -32.42 -16.09 5.75
N GLN B 163 -32.83 -15.23 6.69
CA GLN B 163 -32.21 -15.13 7.99
C GLN B 163 -33.29 -14.98 9.04
N LEU B 164 -33.06 -15.54 10.22
CA LEU B 164 -33.98 -15.41 11.34
C LEU B 164 -33.26 -14.82 12.54
N ILE B 165 -33.70 -13.64 12.96
CA ILE B 165 -33.19 -13.00 14.17
C ILE B 165 -34.16 -13.28 15.30
N ASN B 166 -33.65 -13.81 16.40
CA ASN B 166 -34.51 -14.15 17.52
C ASN B 166 -35.12 -12.89 18.12
N GLY B 167 -36.39 -12.99 18.51
CA GLY B 167 -37.06 -11.95 19.25
C GLY B 167 -37.05 -12.27 20.73
N ASN B 168 -37.45 -11.28 21.53
CA ASN B 168 -37.41 -11.44 22.99
CA ASN B 168 -37.40 -11.45 22.98
C ASN B 168 -38.57 -12.24 23.55
N ASN B 169 -39.53 -12.65 22.71
CA ASN B 169 -40.70 -13.39 23.18
CA ASN B 169 -40.71 -13.39 23.17
C ASN B 169 -40.95 -14.60 22.27
N GLU B 170 -39.96 -15.50 22.23
CA GLU B 170 -40.02 -16.74 21.46
C GLU B 170 -40.42 -16.52 20.00
N ASP B 171 -40.16 -15.33 19.47
CA ASP B 171 -40.53 -14.98 18.11
C ASP B 171 -39.28 -14.79 17.26
N PHE B 172 -39.48 -14.62 15.96
CA PHE B 172 -38.38 -14.44 15.03
C PHE B 172 -38.69 -13.32 14.06
N GLN B 173 -37.63 -12.66 13.58
CA GLN B 173 -37.73 -11.62 12.57
C GLN B 173 -37.18 -12.16 11.26
N GLU B 174 -38.03 -12.21 10.23
CA GLU B 174 -37.59 -12.65 8.92
C GLU B 174 -36.66 -11.63 8.28
N VAL B 175 -35.57 -12.11 7.70
CA VAL B 175 -34.71 -11.30 6.85
C VAL B 175 -34.55 -12.05 5.54
N LYS B 176 -34.87 -11.39 4.44
CA LYS B 176 -34.78 -11.96 3.11
C LYS B 176 -33.80 -11.14 2.29
N MET B 177 -32.76 -11.78 1.78
CA MET B 177 -31.69 -11.08 1.05
C MET B 177 -31.57 -11.59 -0.38
N SER B 178 -31.27 -10.65 -1.28
CA SER B 178 -31.08 -10.94 -2.70
C SER B 178 -29.86 -10.16 -3.16
N GLN B 179 -28.78 -10.85 -3.48
CA GLN B 179 -27.48 -10.25 -3.70
C GLN B 179 -26.95 -10.57 -5.09
N LYS B 180 -26.06 -9.71 -5.58
CA LYS B 180 -25.44 -9.86 -6.89
C LYS B 180 -23.96 -9.52 -6.76
N ILE B 181 -23.09 -10.51 -6.91
CA ILE B 181 -21.65 -10.34 -6.82
C ILE B 181 -21.06 -10.22 -8.22
N THR B 182 -20.27 -9.19 -8.46
CA THR B 182 -19.61 -8.94 -9.72
C THR B 182 -18.18 -8.49 -9.46
N PRO B 183 -17.25 -8.77 -10.36
CA PRO B 183 -15.86 -8.38 -10.12
C PRO B 183 -15.64 -6.90 -10.32
N LEU B 184 -14.68 -6.36 -9.58
CA LEU B 184 -14.30 -4.95 -9.69
C LEU B 184 -13.37 -4.67 -10.85
N SER B 185 -12.87 -5.71 -11.52
CA SER B 185 -11.94 -5.51 -12.63
C SER B 185 -12.31 -6.43 -13.78
N ASP B 186 -11.79 -6.08 -14.96
CA ASP B 186 -11.92 -6.93 -16.14
C ASP B 186 -10.80 -7.96 -16.06
N GLY B 187 -11.15 -9.20 -15.75
CA GLY B 187 -10.14 -10.22 -15.60
C GLY B 187 -10.68 -11.63 -15.66
N PRO B 188 -9.79 -12.60 -15.50
CA PRO B 188 -10.24 -14.00 -15.50
C PRO B 188 -10.95 -14.34 -14.20
N THR B 189 -11.98 -15.15 -14.30
CA THR B 189 -12.71 -15.58 -13.12
C THR B 189 -12.96 -17.08 -13.20
N ALA B 190 -13.23 -17.67 -12.04
CA ALA B 190 -13.56 -19.08 -11.96
C ALA B 190 -14.98 -19.28 -12.45
N PRO B 191 -15.38 -20.53 -12.72
CA PRO B 191 -16.75 -20.75 -13.21
C PRO B 191 -17.79 -20.39 -12.17
N ARG B 192 -18.91 -19.84 -12.63
CA ARG B 192 -20.04 -19.54 -11.76
C ARG B 192 -21.00 -20.72 -11.80
N LYS B 193 -21.02 -21.51 -10.74
CA LYS B 193 -21.82 -22.72 -10.67
C LYS B 193 -22.67 -22.74 -9.41
N LEU B 194 -23.81 -23.42 -9.50
CA LEU B 194 -24.70 -23.59 -8.35
C LEU B 194 -23.97 -24.26 -7.20
N HIS B 195 -24.06 -23.64 -6.03
CA HIS B 195 -23.51 -24.21 -4.80
C HIS B 195 -24.12 -23.48 -3.62
N TYR B 196 -23.84 -23.98 -2.42
CA TYR B 196 -24.42 -23.44 -1.20
C TYR B 196 -23.32 -23.07 -0.22
N GLN B 197 -23.69 -22.24 0.76
CA GLN B 197 -22.81 -21.92 1.88
C GLN B 197 -23.55 -22.18 3.17
N HIS B 198 -22.90 -22.93 4.06
CA HIS B 198 -23.42 -23.24 5.39
C HIS B 198 -22.80 -22.25 6.36
N ILE B 199 -23.61 -21.34 6.89
CA ILE B 199 -23.12 -20.22 7.69
C ILE B 199 -23.77 -20.26 9.07
N THR B 200 -22.96 -20.03 10.09
CA THR B 200 -23.44 -19.86 11.46
C THR B 200 -22.84 -18.59 12.02
N LEU B 201 -23.68 -17.74 12.61
CA LEU B 201 -23.24 -16.49 13.20
C LEU B 201 -23.47 -16.53 14.70
N ASP B 202 -22.48 -16.08 15.46
CA ASP B 202 -22.59 -15.91 16.90
C ASP B 202 -22.24 -14.47 17.23
N LEU B 203 -23.22 -13.70 17.69
CA LEU B 203 -23.01 -12.32 18.11
C LEU B 203 -22.83 -12.27 19.62
N ARG B 204 -21.85 -11.48 20.05
CA ARG B 204 -21.58 -11.32 21.48
C ARG B 204 -21.03 -9.93 21.71
N LYS B 205 -20.81 -9.59 22.99
CA LYS B 205 -20.41 -8.25 23.39
C LYS B 205 -19.10 -8.29 24.16
N ASP B 206 -18.28 -7.26 23.96
CA ASP B 206 -17.08 -7.04 24.73
C ASP B 206 -17.41 -6.25 26.00
N SER B 207 -17.02 -6.79 27.15
CA SER B 207 -17.30 -6.11 28.42
C SER B 207 -16.56 -4.77 28.50
N SER B 208 -15.34 -4.71 27.96
CA SER B 208 -14.49 -3.53 28.08
C SER B 208 -14.82 -2.42 27.09
N GLU B 209 -15.67 -2.69 26.10
CA GLU B 209 -15.97 -1.72 25.05
C GLU B 209 -17.15 -0.87 25.51
N ALA B 210 -16.92 0.45 25.61
CA ALA B 210 -17.98 1.36 26.03
C ALA B 210 -18.93 1.71 24.89
N ALA B 211 -18.43 1.76 23.66
CA ALA B 211 -19.25 2.14 22.52
C ALA B 211 -20.30 1.06 22.21
N ASP B 212 -21.32 1.47 21.47
CA ASP B 212 -22.29 0.52 20.97
C ASP B 212 -21.62 -0.33 19.90
N HIS B 213 -21.61 -1.65 20.10
CA HIS B 213 -20.77 -2.51 19.30
C HIS B 213 -21.40 -3.89 19.20
N ILE B 214 -20.75 -4.76 18.41
CA ILE B 214 -21.09 -6.16 18.33
C ILE B 214 -19.84 -6.92 17.89
N VAL B 215 -19.71 -8.15 18.35
CA VAL B 215 -18.61 -9.03 17.99
C VAL B 215 -19.19 -10.23 17.26
N ILE B 216 -18.90 -10.33 15.96
CA ILE B 216 -19.49 -11.35 15.10
C ILE B 216 -18.46 -12.46 14.87
N THR B 217 -18.79 -13.67 15.28
CA THR B 217 -18.01 -14.87 14.96
C THR B 217 -18.77 -15.64 13.89
N GLU B 218 -18.21 -15.66 12.68
CA GLU B 218 -18.88 -16.30 11.55
C GLU B 218 -18.09 -17.51 11.06
N ASN B 219 -18.80 -18.59 10.78
CA ASN B 219 -18.20 -19.80 10.24
C ASN B 219 -18.96 -20.19 8.97
N ALA B 220 -18.34 -20.01 7.82
CA ALA B 220 -18.97 -20.28 6.54
C ALA B 220 -18.19 -21.34 5.78
N LYS B 221 -18.90 -22.32 5.24
CA LYS B 221 -18.33 -23.39 4.43
C LYS B 221 -19.18 -23.58 3.19
N ALA B 222 -18.52 -23.73 2.05
CA ALA B 222 -19.21 -23.97 0.80
C ALA B 222 -19.41 -25.47 0.60
N VAL B 223 -20.54 -25.82 -0.01
CA VAL B 223 -20.91 -27.19 -0.28
C VAL B 223 -21.39 -27.27 -1.72
N SER B 224 -20.93 -28.28 -2.44
CA SER B 224 -21.45 -28.55 -3.77
C SER B 224 -22.87 -29.09 -3.66
N ALA B 225 -23.63 -28.95 -4.76
CA ALA B 225 -25.00 -29.41 -4.76
C ALA B 225 -25.08 -30.93 -4.62
N GLU B 226 -24.07 -31.65 -5.09
CA GLU B 226 -24.06 -33.10 -4.95
C GLU B 226 -23.84 -33.51 -3.49
N LYS B 227 -22.89 -32.88 -2.81
CA LYS B 227 -22.58 -33.27 -1.44
C LYS B 227 -23.69 -32.84 -0.49
N TYR B 228 -24.30 -31.68 -0.73
CA TYR B 228 -25.42 -31.25 0.09
C TYR B 228 -26.60 -32.20 -0.04
N ALA B 229 -26.89 -32.65 -1.26
CA ALA B 229 -28.00 -33.58 -1.47
C ALA B 229 -27.78 -34.87 -0.70
N LYS B 230 -26.52 -35.28 -0.55
CA LYS B 230 -26.12 -36.52 0.13
C LYS B 230 -25.75 -36.26 1.59
N ALA B 231 -26.44 -35.35 2.27
CA ALA B 231 -26.06 -34.95 3.62
C ALA B 231 -26.85 -35.68 4.69
N CYS B 232 -26.15 -36.14 5.72
CA CYS B 232 -26.75 -36.75 6.90
C CYS B 232 -26.37 -35.90 8.11
N PHE B 233 -27.36 -35.54 8.91
CA PHE B 233 -27.12 -34.63 10.01
C PHE B 233 -27.25 -35.34 11.36
N ASN C 2 5.08 23.26 15.63
CA ASN C 2 5.04 22.04 14.83
C ASN C 2 4.61 22.29 13.39
N MET C 3 4.49 23.55 12.99
CA MET C 3 4.05 23.93 11.66
C MET C 3 5.07 23.61 10.58
N ASN C 4 6.32 23.32 10.95
CA ASN C 4 7.40 23.16 9.98
C ASN C 4 7.62 21.70 9.60
N ILE C 5 6.79 20.79 10.09
CA ILE C 5 6.88 19.38 9.70
C ILE C 5 6.54 19.23 8.23
N GLY C 6 5.50 19.92 7.76
CA GLY C 6 5.07 19.78 6.38
C GLY C 6 6.12 20.17 5.36
N SER C 7 6.94 21.19 5.67
CA SER C 7 8.00 21.55 4.74
C SER C 7 9.04 20.46 4.66
N VAL C 8 9.20 19.67 5.73
CA VAL C 8 10.20 18.61 5.76
C VAL C 8 9.68 17.39 5.00
N VAL C 9 8.36 17.20 4.96
CA VAL C 9 7.79 16.05 4.31
C VAL C 9 8.04 16.10 2.80
N PHE C 10 8.01 17.29 2.21
CA PHE C 10 8.14 17.44 0.77
C PHE C 10 9.58 17.69 0.32
N GLN C 11 10.58 17.43 1.16
CA GLN C 11 11.95 17.61 0.70
C GLN C 11 12.41 16.47 -0.19
N LYS C 12 11.60 15.42 -0.33
CA LYS C 12 11.85 14.33 -1.26
C LYS C 12 10.65 14.17 -2.20
N PRO C 13 10.86 13.58 -3.39
CA PRO C 13 9.72 13.32 -4.27
C PRO C 13 8.74 12.33 -3.67
N ILE C 14 7.45 12.60 -3.89
CA ILE C 14 6.38 11.76 -3.36
C ILE C 14 5.47 11.32 -4.51
N PRO C 15 5.11 10.03 -4.58
CA PRO C 15 4.08 9.62 -5.54
C PRO C 15 2.72 10.16 -5.14
N PHE C 16 1.85 10.36 -6.13
CA PHE C 16 0.50 10.82 -5.84
C PHE C 16 -0.53 10.01 -6.62
N VAL C 17 -1.75 10.02 -6.10
CA VAL C 17 -2.90 9.33 -6.69
C VAL C 17 -4.07 10.30 -6.73
N VAL C 18 -4.68 10.44 -7.91
CA VAL C 18 -5.80 11.36 -8.10
C VAL C 18 -7.05 10.55 -8.41
N GLN C 19 -8.12 10.82 -7.65
N GLN C 19 -8.11 10.80 -7.65
CA GLN C 19 -9.41 10.16 -7.82
CA GLN C 19 -9.40 10.15 -7.86
C GLN C 19 -10.48 11.23 -7.82
C GLN C 19 -10.49 11.20 -7.83
N PHE C 20 -11.19 11.38 -8.95
CA PHE C 20 -12.21 12.39 -9.10
C PHE C 20 -13.50 11.79 -9.63
N GLU C 21 -14.62 12.22 -9.07
CA GLU C 21 -15.94 11.89 -9.57
C GLU C 21 -16.59 13.17 -10.04
N GLY C 22 -17.19 13.14 -11.23
CA GLY C 22 -17.69 14.34 -11.86
C GLY C 22 -19.11 14.17 -12.37
N ASP C 23 -19.78 15.31 -12.50
CA ASP C 23 -21.15 15.36 -13.00
C ASP C 23 -21.37 16.75 -13.58
N ILE C 24 -21.25 16.87 -14.90
CA ILE C 24 -21.42 18.13 -15.61
C ILE C 24 -22.52 17.95 -16.64
N ASN C 25 -23.55 18.79 -16.58
CA ASN C 25 -24.72 18.69 -17.46
C ASN C 25 -25.36 17.30 -17.37
N GLY C 26 -25.37 16.73 -16.17
CA GLY C 26 -25.93 15.42 -15.96
C GLY C 26 -25.07 14.27 -16.44
N LYS C 27 -23.90 14.56 -17.02
CA LYS C 27 -23.01 13.52 -17.52
C LYS C 27 -22.01 13.16 -16.43
N LYS C 28 -22.17 11.97 -15.87
CA LYS C 28 -21.29 11.51 -14.80
C LYS C 28 -20.04 10.86 -15.39
N PHE C 29 -18.90 11.13 -14.76
CA PHE C 29 -17.63 10.58 -15.19
C PHE C 29 -16.76 10.35 -13.97
N SER C 30 -15.71 9.55 -14.17
CA SER C 30 -14.74 9.27 -13.12
C SER C 30 -13.35 9.32 -13.71
N VAL C 31 -12.44 10.02 -13.03
CA VAL C 31 -11.06 10.13 -13.46
C VAL C 31 -10.17 9.50 -12.39
N ALA C 32 -9.21 8.71 -12.83
CA ALA C 32 -8.23 8.10 -11.94
C ALA C 32 -6.85 8.38 -12.51
N GLY C 33 -5.96 8.90 -11.67
CA GLY C 33 -4.65 9.30 -12.13
C GLY C 33 -3.58 8.95 -11.11
N LYS C 34 -2.33 9.04 -11.56
CA LYS C 34 -1.19 8.72 -10.72
C LYS C 34 0.04 9.43 -11.30
N GLY C 35 0.97 9.77 -10.42
CA GLY C 35 2.16 10.47 -10.85
C GLY C 35 3.15 10.64 -9.72
N ILE C 36 4.08 11.58 -9.91
CA ILE C 36 5.11 11.90 -8.94
C ILE C 36 5.25 13.41 -8.84
N GLY C 37 5.45 13.91 -7.63
CA GLY C 37 5.68 15.33 -7.42
C GLY C 37 6.95 15.58 -6.63
N ASP C 38 7.72 16.58 -7.07
CA ASP C 38 8.98 16.94 -6.43
C ASP C 38 8.92 18.43 -6.06
N ALA C 39 8.69 18.73 -4.78
CA ALA C 39 8.59 20.10 -4.33
C ALA C 39 9.94 20.82 -4.31
N ASN C 40 11.05 20.09 -4.49
CA ASN C 40 12.36 20.74 -4.58
C ASN C 40 12.51 21.49 -5.88
N SER C 41 11.87 21.03 -6.94
CA SER C 41 11.91 21.68 -8.25
C SER C 41 10.60 22.33 -8.65
N GLY C 42 9.48 21.93 -8.04
CA GLY C 42 8.18 22.42 -8.46
C GLY C 42 7.56 21.65 -9.59
N LYS C 43 8.14 20.52 -9.98
CA LYS C 43 7.61 19.70 -11.06
C LYS C 43 6.79 18.56 -10.47
N PHE C 44 5.55 18.41 -10.97
CA PHE C 44 4.79 17.20 -10.71
C PHE C 44 4.05 16.81 -11.98
N GLU C 45 4.19 15.55 -12.35
CA GLU C 45 3.72 15.02 -13.62
C GLU C 45 2.88 13.79 -13.36
N GLY C 46 1.70 13.72 -13.97
CA GLY C 46 0.82 12.59 -13.76
C GLY C 46 0.04 12.25 -15.01
N LYS C 47 -0.40 11.00 -15.07
CA LYS C 47 -1.25 10.48 -16.13
C LYS C 47 -2.63 10.19 -15.54
N HIS C 48 -3.67 10.73 -16.17
CA HIS C 48 -5.02 10.63 -15.67
C HIS C 48 -5.92 10.03 -16.74
N ILE C 49 -6.72 9.04 -16.36
CA ILE C 49 -7.58 8.31 -17.28
C ILE C 49 -9.02 8.47 -16.84
N CYS C 50 -9.92 8.63 -17.82
CA CYS C 50 -11.36 8.63 -17.56
C CYS C 50 -11.83 7.19 -17.60
N THR C 51 -12.09 6.62 -16.42
CA THR C 51 -12.43 5.20 -16.33
C THR C 51 -13.85 4.90 -16.77
N THR C 52 -14.69 5.91 -17.00
CA THR C 52 -16.06 5.71 -17.44
C THR C 52 -16.22 5.82 -18.94
N GLY C 53 -15.14 6.05 -19.69
CA GLY C 53 -15.21 6.17 -21.13
C GLY C 53 -14.51 7.40 -21.64
N ASP C 54 -15.23 8.25 -22.36
CA ASP C 54 -14.70 9.54 -22.79
C ASP C 54 -15.09 10.61 -21.79
N LEU C 55 -14.16 11.50 -21.51
CA LEU C 55 -14.45 12.64 -20.65
C LEU C 55 -15.46 13.54 -21.36
N PRO C 56 -16.56 13.92 -20.71
CA PRO C 56 -17.58 14.71 -21.41
C PRO C 56 -17.15 16.15 -21.70
N ILE C 57 -15.99 16.59 -21.21
CA ILE C 57 -15.50 17.94 -21.42
C ILE C 57 -14.02 17.88 -21.78
N SER C 58 -13.52 19.00 -22.29
CA SER C 58 -12.10 19.11 -22.62
C SER C 58 -11.24 18.86 -21.39
N TRP C 59 -10.14 18.14 -21.58
CA TRP C 59 -9.25 17.83 -20.47
C TRP C 59 -8.71 19.10 -19.81
N GLY C 60 -8.45 20.14 -20.60
CA GLY C 60 -7.97 21.39 -20.04
C GLY C 60 -8.94 22.00 -19.04
N ALA C 61 -10.23 21.72 -19.17
CA ALA C 61 -11.23 22.28 -18.27
C ALA C 61 -11.14 21.73 -16.85
N ILE C 62 -10.41 20.63 -16.62
CA ILE C 62 -10.24 20.09 -15.28
C ILE C 62 -8.77 19.87 -14.97
N ALA C 63 -7.88 20.33 -15.86
CA ALA C 63 -6.46 20.00 -15.75
C ALA C 63 -5.88 20.38 -14.39
N CYS C 64 -6.06 21.63 -13.97
CA CYS C 64 -5.47 22.10 -12.71
C CYS C 64 -6.37 21.83 -11.53
N LEU C 65 -7.25 20.84 -11.64
CA LEU C 65 -7.90 20.22 -10.49
C LEU C 65 -7.42 18.80 -10.25
N LEU C 66 -7.08 18.15 -11.34
CA LEU C 66 -6.32 16.91 -11.28
C LEU C 66 -4.97 17.21 -10.63
N MET C 68 -2.64 19.84 -6.81
CA MET C 68 -1.79 19.64 -5.63
C MET C 68 -0.74 20.73 -5.48
N PRO C 69 -1.16 21.93 -5.08
CA PRO C 69 -0.21 23.04 -4.93
C PRO C 69 0.82 22.83 -3.83
N CYS C 70 0.74 21.73 -3.08
CA CYS C 70 1.79 21.41 -2.12
C CYS C 70 3.11 21.09 -2.81
N PHE C 71 3.06 20.64 -4.06
CA PHE C 71 4.28 20.32 -4.79
C PHE C 71 4.94 21.55 -5.41
N ALA C 72 4.34 22.73 -5.29
CA ALA C 72 4.96 23.93 -5.83
C ALA C 72 6.23 24.25 -5.06
N LYS C 73 7.23 24.77 -5.77
CA LYS C 73 8.51 25.11 -5.15
C LYS C 73 8.39 26.47 -4.47
N TYR C 74 8.44 26.46 -3.15
CA TYR C 74 8.33 27.69 -2.37
C TYR C 74 9.71 28.15 -1.93
N PRO C 75 10.10 29.39 -2.23
CA PRO C 75 11.35 29.91 -1.69
C PRO C 75 11.21 30.16 -0.20
N ASN C 76 12.37 30.37 0.45
CA ASN C 76 12.36 30.52 1.90
C ASN C 76 11.74 31.84 2.34
N ASP C 77 11.79 32.87 1.49
CA ASP C 77 11.18 34.15 1.82
C ASP C 77 9.68 34.20 1.55
N VAL C 78 9.03 33.04 1.39
CA VAL C 78 7.58 32.96 1.23
C VAL C 78 7.07 31.89 2.18
N PRO C 79 6.20 32.23 3.14
CA PRO C 79 5.69 31.22 4.08
C PRO C 79 4.79 30.22 3.35
N ASP C 80 5.13 28.93 3.47
CA ASP C 80 4.44 27.86 2.76
C ASP C 80 3.31 27.36 3.65
N TYR C 81 2.14 28.01 3.53
CA TYR C 81 0.99 27.63 4.35
C TYR C 81 0.44 26.27 3.95
N ILE C 82 0.40 25.98 2.66
CA ILE C 82 -0.23 24.75 2.18
C ILE C 82 0.50 23.53 2.70
N LYS C 83 1.84 23.54 2.65
CA LYS C 83 2.61 22.42 3.18
C LYS C 83 2.43 22.29 4.69
N SER C 84 2.30 23.41 5.40
CA SER C 84 2.18 23.36 6.85
C SER C 84 0.93 22.63 7.30
N THR C 85 -0.07 22.45 6.41
CA THR C 85 -1.27 21.72 6.79
C THR C 85 -1.03 20.21 6.86
N PHE C 86 0.14 19.75 6.45
CA PHE C 86 0.48 18.32 6.49
C PHE C 86 1.13 17.97 7.83
N PRO C 87 1.13 16.67 8.21
CA PRO C 87 0.72 15.47 7.47
C PRO C 87 -0.79 15.31 7.30
N GLU C 88 -1.57 16.01 8.10
CA GLU C 88 -3.03 15.83 8.06
C GLU C 88 -3.60 16.19 6.69
N GLY C 89 -3.05 17.23 6.05
CA GLY C 89 -3.49 17.61 4.72
C GLY C 89 -4.35 18.86 4.74
N PHE C 90 -4.88 19.18 3.55
CA PHE C 90 -5.68 20.38 3.38
C PHE C 90 -6.89 20.08 2.51
N GLN C 91 -7.79 21.06 2.45
CA GLN C 91 -9.05 20.96 1.74
C GLN C 91 -9.24 22.22 0.90
N ARG C 92 -9.60 22.05 -0.36
CA ARG C 92 -9.76 23.19 -1.27
C ARG C 92 -11.08 23.08 -2.01
N GLU C 93 -11.92 24.10 -1.87
CA GLU C 93 -13.16 24.22 -2.61
C GLU C 93 -12.96 25.26 -3.71
N SER C 94 -13.42 24.95 -4.91
CA SER C 94 -13.14 25.77 -6.08
C SER C 94 -14.42 26.06 -6.84
N LEU C 95 -14.60 27.32 -7.23
CA LEU C 95 -15.65 27.73 -8.16
C LEU C 95 -14.98 28.06 -9.49
N VAL C 96 -15.26 27.25 -10.50
CA VAL C 96 -14.63 27.38 -11.82
C VAL C 96 -15.68 27.85 -12.81
N GLU C 97 -15.43 29.01 -13.43
CA GLU C 97 -16.37 29.64 -14.36
C GLU C 97 -15.73 29.77 -15.73
N PHE C 98 -16.47 29.37 -16.77
CA PHE C 98 -16.00 29.43 -18.15
C PHE C 98 -16.73 30.54 -18.89
N GLY C 99 -15.99 31.30 -19.68
CA GLY C 99 -16.58 32.42 -20.41
C GLY C 99 -17.58 31.95 -21.46
N ASN C 100 -18.77 32.55 -21.45
CA ASN C 100 -19.84 32.22 -22.39
C ASN C 100 -20.17 30.73 -22.35
N ASP C 101 -19.98 30.11 -21.19
CA ASP C 101 -20.28 28.70 -20.98
C ASP C 101 -20.68 28.54 -19.51
N GLY C 102 -20.64 27.31 -19.01
CA GLY C 102 -21.16 27.00 -17.70
C GLY C 102 -20.15 27.24 -16.59
N ARG C 103 -20.49 26.72 -15.42
CA ARG C 103 -19.65 26.80 -14.24
C ARG C 103 -19.78 25.49 -13.48
N TYR C 104 -18.75 25.14 -12.71
CA TYR C 104 -18.83 23.97 -11.84
C TYR C 104 -18.14 24.28 -10.53
N ILE C 105 -18.47 23.48 -9.51
CA ILE C 105 -17.89 23.60 -8.18
C ILE C 105 -17.13 22.33 -7.88
N ALA C 106 -15.91 22.48 -7.38
CA ALA C 106 -15.08 21.35 -7.00
C ALA C 106 -14.76 21.42 -5.52
N LYS C 107 -14.79 20.26 -4.87
CA LYS C 107 -14.36 20.10 -3.50
C LYS C 107 -13.37 18.95 -3.48
N GLN C 108 -12.21 19.17 -2.89
CA GLN C 108 -11.17 18.16 -2.89
C GLN C 108 -10.39 18.18 -1.58
N LYS C 109 -9.86 17.02 -1.22
CA LYS C 109 -9.04 16.85 -0.03
C LYS C 109 -7.71 16.22 -0.45
N VAL C 110 -6.62 16.91 -0.14
CA VAL C 110 -5.28 16.42 -0.46
C VAL C 110 -4.64 15.95 0.83
N THR C 111 -4.43 14.64 0.94
CA THR C 111 -3.93 14.01 2.15
C THR C 111 -2.65 13.23 1.85
N LEU C 112 -1.94 12.87 2.92
CA LEU C 112 -0.75 12.04 2.85
C LEU C 112 -1.06 10.73 3.57
N GLU C 113 -1.17 9.64 2.79
CA GLU C 113 -1.57 8.34 3.30
C GLU C 113 -0.60 7.28 2.80
N ASN C 114 0.03 6.56 3.75
CA ASN C 114 0.99 5.51 3.42
C ASN C 114 2.09 6.02 2.50
N GLY C 115 2.58 7.23 2.78
CA GLY C 115 3.64 7.80 1.97
C GLY C 115 3.22 8.18 0.57
N ILE C 116 1.92 8.35 0.33
CA ILE C 116 1.39 8.75 -0.97
C ILE C 116 0.47 9.94 -0.79
N ILE C 117 0.58 10.91 -1.70
CA ILE C 117 -0.34 12.04 -1.70
C ILE C 117 -1.60 11.64 -2.46
N TYR C 118 -2.75 11.86 -1.83
CA TYR C 118 -4.04 11.52 -2.44
C TYR C 118 -4.82 12.80 -2.69
N ASN C 119 -5.12 13.06 -3.96
CA ASN C 119 -5.98 14.17 -4.36
C ASN C 119 -7.34 13.57 -4.71
N ARG C 120 -8.28 13.68 -3.77
CA ARG C 120 -9.62 13.12 -3.92
C ARG C 120 -10.61 14.28 -3.99
N GLY C 121 -11.31 14.40 -5.12
CA GLY C 121 -12.19 15.53 -5.33
C GLY C 121 -13.44 15.14 -6.08
N THR C 122 -14.37 16.09 -6.15
CA THR C 122 -15.62 15.94 -6.87
C THR C 122 -15.87 17.20 -7.68
N ILE C 123 -16.42 17.03 -8.87
CA ILE C 123 -16.73 18.14 -9.77
C ILE C 123 -18.21 18.07 -10.09
N THR C 124 -18.92 19.20 -9.93
CA THR C 124 -20.35 19.25 -10.16
C THR C 124 -20.71 20.58 -10.81
N GLY C 125 -21.29 20.53 -12.00
CA GLY C 125 -21.67 21.75 -12.70
C GLY C 125 -22.78 21.51 -13.69
N ASP C 126 -23.34 22.62 -14.16
CA ASP C 126 -24.39 22.60 -15.18
C ASP C 126 -24.41 23.95 -15.88
N GLY C 127 -25.32 24.09 -16.83
CA GLY C 127 -25.42 25.33 -17.59
C GLY C 127 -24.38 25.46 -18.68
N PHE C 128 -23.74 24.37 -19.06
CA PHE C 128 -22.75 24.40 -20.13
C PHE C 128 -23.44 24.31 -21.48
N ASN C 129 -22.88 25.02 -22.44
CA ASN C 129 -23.42 24.97 -23.78
C ASN C 129 -23.16 23.58 -24.34
N GLU C 130 -24.21 22.79 -24.49
CA GLU C 130 -24.03 21.51 -25.16
C GLU C 130 -23.53 21.70 -26.59
N ASN C 131 -23.71 22.89 -27.18
CA ASN C 131 -23.13 23.25 -28.46
C ASN C 131 -21.85 24.08 -28.37
N GLY C 132 -21.19 24.13 -27.17
CA GLY C 132 -19.97 24.88 -27.01
C GLY C 132 -18.70 24.00 -27.15
N LYS C 133 -17.54 24.65 -27.33
CA LYS C 133 -16.30 23.92 -27.56
C LYS C 133 -15.86 23.09 -26.35
N ILE C 134 -16.38 23.41 -25.16
CA ILE C 134 -16.03 22.63 -23.98
C ILE C 134 -16.74 21.29 -24.01
N MET C 135 -18.05 21.30 -24.23
CA MET C 135 -18.82 20.06 -24.28
C MET C 135 -18.62 19.32 -25.59
N ARG C 136 -18.19 20.02 -26.63
CA ARG C 136 -17.91 19.37 -27.90
C ARG C 136 -16.46 18.94 -28.02
N ARG C 137 -15.66 19.22 -26.97
CA ARG C 137 -14.26 18.82 -26.91
C ARG C 137 -13.51 19.26 -28.16
N GLU C 138 -13.71 20.53 -28.52
CA GLU C 138 -13.04 21.13 -29.67
C GLU C 138 -11.87 22.02 -29.25
N LEU C 139 -11.66 22.20 -27.96
CA LEU C 139 -10.50 22.93 -27.48
C LEU C 139 -9.25 22.06 -27.59
N GLN C 140 -8.11 22.72 -27.80
CA GLN C 140 -6.85 22.01 -27.79
C GLN C 140 -6.49 21.61 -26.37
N ASP C 141 -5.64 20.59 -26.26
CA ASP C 141 -5.06 20.23 -24.96
C ASP C 141 -3.82 21.08 -24.70
N LYS C 142 -4.07 22.39 -24.61
CA LYS C 142 -3.00 23.37 -24.46
C LYS C 142 -3.51 24.49 -23.58
N VAL C 143 -2.80 24.78 -22.50
CA VAL C 143 -3.17 25.83 -21.55
C VAL C 143 -2.02 26.82 -21.48
N ALA C 144 -2.37 28.11 -21.53
CA ALA C 144 -1.36 29.15 -21.52
C ALA C 144 -0.75 29.29 -20.13
N PRO C 145 0.45 29.86 -20.03
CA PRO C 145 1.07 30.04 -18.71
C PRO C 145 0.21 30.91 -17.81
N MET C 146 0.42 30.76 -16.50
CA MET C 146 -0.43 31.41 -15.52
C MET C 146 0.39 32.10 -14.43
N LEU C 147 -0.22 33.11 -13.82
CA LEU C 147 0.18 33.61 -12.52
C LEU C 147 -1.07 33.61 -11.65
N THR C 148 -0.96 33.06 -10.45
CA THR C 148 -2.10 32.89 -9.56
C THR C 148 -1.84 33.66 -8.26
N TYR C 149 -2.90 34.26 -7.72
CA TYR C 149 -2.79 35.11 -6.54
C TYR C 149 -3.18 34.31 -5.29
N TYR C 150 -2.34 34.37 -4.27
CA TYR C 150 -2.65 33.78 -2.97
C TYR C 150 -2.66 34.90 -1.93
N TYR C 151 -3.60 34.82 -1.00
CA TYR C 151 -3.76 35.84 0.03
C TYR C 151 -4.71 35.36 1.13
N PRO C 152 -4.56 35.85 2.36
CA PRO C 152 -5.42 35.37 3.44
C PRO C 152 -6.84 35.89 3.32
N GLU C 153 -7.81 35.04 3.69
CA GLU C 153 -9.20 35.45 3.79
C GLU C 153 -9.86 34.58 4.85
N ASP C 154 -10.48 35.24 5.84
CA ASP C 154 -11.09 34.57 7.00
C ASP C 154 -10.00 33.77 7.70
N ASP C 155 -10.17 32.47 7.92
CA ASP C 155 -9.16 31.66 8.59
C ASP C 155 -8.46 30.70 7.64
N GLY C 156 -8.56 30.95 6.33
CA GLY C 156 -7.90 30.10 5.35
C GLY C 156 -7.12 30.91 4.34
N LEU C 157 -6.60 30.25 3.32
CA LEU C 157 -5.85 30.90 2.24
C LEU C 157 -6.68 30.88 0.97
N LYS C 158 -6.96 32.06 0.42
CA LYS C 158 -7.73 32.17 -0.81
C LYS C 158 -6.80 32.22 -2.02
N CYS C 159 -7.28 31.71 -3.14
CA CYS C 159 -6.51 31.71 -4.39
C CYS C 159 -7.42 32.06 -5.55
N ILE C 160 -7.00 33.03 -6.36
CA ILE C 160 -7.75 33.47 -7.53
C ILE C 160 -6.81 33.58 -8.72
N PHE C 161 -7.30 33.20 -9.90
CA PHE C 161 -6.48 33.24 -11.11
C PHE C 161 -7.38 32.96 -12.31
N ASN C 162 -6.82 33.21 -13.48
CA ASN C 162 -7.47 32.90 -14.75
C ASN C 162 -6.63 31.91 -15.53
N GLN C 163 -7.29 31.24 -16.48
CA GLN C 163 -6.67 30.26 -17.34
C GLN C 163 -7.18 30.46 -18.75
N LEU C 164 -6.31 30.24 -19.74
CA LEU C 164 -6.69 30.33 -21.14
C LEU C 164 -6.36 29.02 -21.82
N ILE C 165 -7.39 28.34 -22.32
CA ILE C 165 -7.23 27.10 -23.07
C ILE C 165 -7.30 27.45 -24.55
N ASN C 166 -6.29 27.03 -25.30
CA ASN C 166 -6.24 27.34 -26.73
C ASN C 166 -7.39 26.66 -27.47
N GLY C 167 -7.96 27.37 -28.44
CA GLY C 167 -8.94 26.82 -29.34
C GLY C 167 -8.29 26.42 -30.66
N ASN C 168 -9.10 25.82 -31.53
CA ASN C 168 -8.59 25.36 -32.82
CA ASN C 168 -8.59 25.36 -32.82
C ASN C 168 -8.50 26.47 -33.85
N ASN C 169 -9.18 27.61 -33.62
CA ASN C 169 -9.19 28.69 -34.60
CA ASN C 169 -9.19 28.69 -34.60
C ASN C 169 -8.69 30.00 -34.00
N GLU C 170 -7.46 29.98 -33.48
CA GLU C 170 -6.77 31.16 -32.96
C GLU C 170 -7.56 31.85 -31.85
N ASP C 171 -8.41 31.10 -31.16
CA ASP C 171 -9.24 31.64 -30.10
C ASP C 171 -8.83 31.04 -28.76
N PHE C 172 -9.42 31.57 -27.70
CA PHE C 172 -9.13 31.10 -26.35
C PHE C 172 -10.41 30.96 -25.55
N GLN C 173 -10.39 30.02 -24.60
CA GLN C 173 -11.49 29.81 -23.68
C GLN C 173 -11.08 30.32 -22.30
N GLU C 174 -11.82 31.30 -21.79
CA GLU C 174 -11.55 31.83 -20.46
C GLU C 174 -11.93 30.80 -19.41
N VAL C 175 -11.04 30.61 -18.43
CA VAL C 175 -11.36 29.86 -17.22
C VAL C 175 -11.00 30.76 -16.05
N LYS C 176 -11.97 31.05 -15.19
CA LYS C 176 -11.76 31.88 -14.01
C LYS C 176 -12.06 31.06 -12.77
N MET C 177 -11.09 30.99 -11.86
CA MET C 177 -11.18 30.15 -10.67
C MET C 177 -11.08 30.99 -9.41
N SER C 178 -11.84 30.57 -8.40
CA SER C 178 -11.84 31.21 -7.08
C SER C 178 -11.83 30.09 -6.05
N GLN C 179 -10.73 29.96 -5.32
CA GLN C 179 -10.51 28.81 -4.45
C GLN C 179 -10.31 29.24 -3.01
N LYS C 180 -10.58 28.31 -2.10
CA LYS C 180 -10.45 28.55 -0.66
C LYS C 180 -9.80 27.31 -0.05
N ILE C 181 -8.58 27.47 0.44
CA ILE C 181 -7.82 26.38 1.07
C ILE C 181 -7.98 26.46 2.57
N THR C 182 -8.30 25.33 3.19
CA THR C 182 -8.50 25.22 4.62
C THR C 182 -7.77 23.97 5.12
N PRO C 183 -7.27 23.98 6.34
CA PRO C 183 -6.60 22.78 6.86
C PRO C 183 -7.63 21.73 7.25
N LEU C 184 -7.22 20.47 7.12
CA LEU C 184 -8.07 19.36 7.51
C LEU C 184 -8.03 19.06 8.99
N SER C 185 -7.13 19.71 9.73
CA SER C 185 -7.00 19.48 11.17
C SER C 185 -6.76 20.79 11.90
N ASP C 186 -7.02 20.75 13.21
CA ASP C 186 -6.66 21.85 14.09
C ASP C 186 -5.22 21.61 14.50
N GLY C 187 -4.31 22.34 13.87
CA GLY C 187 -2.89 22.23 14.14
C GLY C 187 -2.19 23.53 13.86
N PRO C 188 -0.88 23.56 14.06
CA PRO C 188 -0.13 24.78 13.74
C PRO C 188 0.03 24.92 12.24
N THR C 189 -0.03 26.17 11.77
CA THR C 189 0.16 26.44 10.35
C THR C 189 1.11 27.61 10.19
N ALA C 190 1.68 27.70 8.99
CA ALA C 190 2.57 28.79 8.63
C ALA C 190 1.75 30.04 8.37
N PRO C 191 2.39 31.21 8.32
CA PRO C 191 1.62 32.44 8.07
C PRO C 191 0.97 32.46 6.69
N ARG C 192 -0.22 33.05 6.64
CA ARG C 192 -0.96 33.24 5.39
C ARG C 192 -0.65 34.64 4.89
N LYS C 193 0.19 34.74 3.87
CA LYS C 193 0.63 36.01 3.35
C LYS C 193 0.43 36.07 1.84
N LEU C 194 0.25 37.29 1.34
CA LEU C 194 0.13 37.51 -0.10
C LEU C 194 1.35 36.99 -0.83
N HIS C 195 1.12 36.17 -1.85
CA HIS C 195 2.17 35.68 -2.71
C HIS C 195 1.54 35.12 -3.98
N TYR C 196 2.39 34.79 -4.94
CA TYR C 196 1.95 34.34 -6.26
C TYR C 196 2.56 32.98 -6.58
N GLN C 197 1.97 32.30 -7.55
CA GLN C 197 2.53 31.08 -8.11
C GLN C 197 2.63 31.21 -9.61
N HIS C 198 3.82 30.91 -10.15
CA HIS C 198 4.08 30.90 -11.57
C HIS C 198 3.98 29.46 -12.06
N ILE C 199 2.94 29.18 -12.85
CA ILE C 199 2.60 27.82 -13.25
C ILE C 199 2.59 27.72 -14.77
N THR C 200 3.16 26.61 -15.27
CA THR C 200 3.09 26.26 -16.69
C THR C 200 2.62 24.82 -16.81
N LEU C 201 1.64 24.58 -17.66
CA LEU C 201 1.09 23.24 -17.87
C LEU C 201 1.40 22.77 -19.29
N ASP C 202 1.76 21.49 -19.41
CA ASP C 202 1.90 20.84 -20.71
C ASP C 202 1.04 19.58 -20.68
N LEU C 203 0.01 19.54 -21.53
CA LEU C 203 -0.87 18.39 -21.63
C LEU C 203 -0.52 17.59 -22.87
N ARG C 204 -0.18 16.32 -22.68
CA ARG C 204 0.24 15.43 -23.76
C ARG C 204 -0.53 14.13 -23.66
N LYS C 205 -0.28 13.23 -24.60
CA LYS C 205 -0.92 11.93 -24.66
C LYS C 205 0.12 10.83 -24.65
N ASP C 206 -0.20 9.72 -23.98
CA ASP C 206 0.63 8.52 -24.03
C ASP C 206 0.25 7.69 -25.25
N SER C 207 1.26 7.34 -26.06
CA SER C 207 1.02 6.56 -27.26
C SER C 207 0.42 5.20 -26.92
N SER C 208 0.84 4.61 -25.81
CA SER C 208 0.44 3.26 -25.45
C SER C 208 -0.93 3.18 -24.78
N GLU C 209 -1.51 4.31 -24.37
CA GLU C 209 -2.77 4.29 -23.62
C GLU C 209 -3.96 4.36 -24.57
N ALA C 210 -4.81 3.33 -24.52
CA ALA C 210 -6.00 3.30 -25.35
C ALA C 210 -7.14 4.12 -24.77
N ALA C 211 -7.22 4.19 -23.45
CA ALA C 211 -8.32 4.91 -22.80
C ALA C 211 -8.20 6.42 -23.04
N ASP C 212 -9.32 7.12 -22.85
CA ASP C 212 -9.31 8.56 -22.90
C ASP C 212 -8.55 9.09 -21.69
N HIS C 213 -7.49 9.85 -21.93
CA HIS C 213 -6.55 10.19 -20.88
C HIS C 213 -5.88 11.52 -21.22
N ILE C 214 -5.05 11.99 -20.27
CA ILE C 214 -4.19 13.15 -20.51
C ILE C 214 -2.99 13.02 -19.59
N VAL C 215 -1.84 13.53 -20.04
CA VAL C 215 -0.61 13.52 -19.27
C VAL C 215 -0.23 14.97 -18.99
N ILE C 216 -0.29 15.36 -17.72
CA ILE C 216 -0.09 16.74 -17.30
C ILE C 216 1.31 16.87 -16.71
N THR C 217 2.14 17.69 -17.34
CA THR C 217 3.43 18.08 -16.78
C THR C 217 3.29 19.51 -16.26
N GLU C 218 3.34 19.67 -14.94
CA GLU C 218 3.14 20.97 -14.31
C GLU C 218 4.40 21.41 -13.60
N ASN C 219 4.74 22.69 -13.76
CA ASN C 219 5.87 23.31 -13.10
C ASN C 219 5.38 24.55 -12.38
N ALA C 220 5.33 24.48 -11.06
CA ALA C 220 4.79 25.55 -10.22
C ALA C 220 5.88 26.10 -9.32
N LYS C 221 5.98 27.41 -9.26
CA LYS C 221 6.97 28.10 -8.44
C LYS C 221 6.27 29.24 -7.71
N ALA C 222 6.55 29.38 -6.42
CA ALA C 222 5.99 30.49 -5.66
C ALA C 222 6.93 31.69 -5.71
N VAL C 223 6.34 32.88 -5.72
CA VAL C 223 7.09 34.13 -5.76
C VAL C 223 6.53 35.07 -4.71
N SER C 224 7.42 35.71 -3.95
CA SER C 224 6.99 36.75 -3.05
C SER C 224 6.55 37.97 -3.85
N ALA C 225 5.67 38.78 -3.25
CA ALA C 225 5.19 39.97 -3.94
C ALA C 225 6.31 40.97 -4.15
N GLU C 226 7.33 40.94 -3.30
CA GLU C 226 8.44 41.86 -3.45
CA GLU C 226 8.45 41.86 -3.44
C GLU C 226 9.33 41.49 -4.62
N LYS C 227 9.70 40.21 -4.72
CA LYS C 227 10.53 39.76 -5.83
C LYS C 227 9.76 39.75 -7.15
N TYR C 228 8.46 39.45 -7.10
CA TYR C 228 7.66 39.54 -8.32
C TYR C 228 7.61 40.96 -8.86
N ALA C 229 7.48 41.95 -7.96
CA ALA C 229 7.41 43.34 -8.40
C ALA C 229 8.68 43.78 -9.12
N LYS C 230 9.83 43.28 -8.70
CA LYS C 230 11.11 43.68 -9.29
C LYS C 230 11.57 42.74 -10.39
N ALA C 231 10.67 42.22 -11.22
CA ALA C 231 11.04 41.20 -12.18
C ALA C 231 11.26 41.82 -13.55
N CYS C 232 12.31 41.37 -14.22
CA CYS C 232 12.62 41.75 -15.59
C CYS C 232 12.59 40.46 -16.42
N PHE C 233 11.83 40.49 -17.51
CA PHE C 233 11.66 39.26 -18.30
C PHE C 233 12.37 39.40 -19.63
N ILE D 5 18.17 -10.08 7.34
CA ILE D 5 16.76 -10.06 6.95
C ILE D 5 16.48 -11.23 6.00
N GLY D 6 17.39 -11.45 5.05
CA GLY D 6 17.21 -12.54 4.10
C GLY D 6 17.17 -13.90 4.74
N SER D 7 17.90 -14.09 5.85
CA SER D 7 17.82 -15.38 6.52
C SER D 7 16.46 -15.60 7.16
N VAL D 8 15.85 -14.53 7.67
CA VAL D 8 14.58 -14.74 8.36
C VAL D 8 13.43 -14.85 7.37
N VAL D 9 13.49 -14.12 6.27
CA VAL D 9 12.41 -14.21 5.28
C VAL D 9 12.51 -15.52 4.50
N PHE D 10 13.73 -15.91 4.11
CA PHE D 10 13.99 -17.08 3.28
C PHE D 10 14.38 -18.32 4.08
N GLN D 11 14.08 -18.36 5.38
CA GLN D 11 14.49 -19.51 6.18
C GLN D 11 13.67 -20.75 5.93
N LYS D 12 12.49 -20.61 5.35
CA LYS D 12 11.61 -21.70 4.98
C LYS D 12 11.20 -21.53 3.53
N PRO D 13 10.73 -22.59 2.89
CA PRO D 13 10.23 -22.46 1.51
C PRO D 13 9.10 -21.44 1.43
N ILE D 14 9.12 -20.65 0.38
CA ILE D 14 8.17 -19.56 0.16
C ILE D 14 7.46 -19.84 -1.17
N PRO D 15 6.14 -19.75 -1.23
CA PRO D 15 5.47 -19.80 -2.53
C PRO D 15 5.78 -18.53 -3.31
N PHE D 16 5.76 -18.65 -4.64
CA PHE D 16 6.01 -17.49 -5.48
C PHE D 16 4.97 -17.41 -6.60
N VAL D 17 4.82 -16.20 -7.12
CA VAL D 17 3.86 -15.89 -8.18
C VAL D 17 4.57 -15.10 -9.27
N VAL D 18 4.43 -15.56 -10.51
CA VAL D 18 5.06 -14.94 -11.67
C VAL D 18 3.98 -14.37 -12.59
N GLN D 19 4.17 -13.13 -13.03
CA GLN D 19 3.27 -12.49 -13.99
C GLN D 19 4.13 -11.75 -15.00
N PHE D 20 4.01 -12.11 -16.28
CA PHE D 20 4.80 -11.49 -17.33
C PHE D 20 3.92 -11.09 -18.50
N GLU D 21 4.16 -9.89 -19.03
CA GLU D 21 3.53 -9.41 -20.25
C GLU D 21 4.62 -9.24 -21.30
N GLY D 22 4.37 -9.76 -22.50
CA GLY D 22 5.42 -9.82 -23.51
C GLY D 22 4.96 -9.29 -24.85
N ASP D 23 5.96 -8.88 -25.64
CA ASP D 23 5.71 -8.36 -26.99
C ASP D 23 6.99 -8.61 -27.79
N ILE D 24 6.98 -9.68 -28.58
CA ILE D 24 8.12 -10.03 -29.43
C ILE D 24 7.64 -10.09 -30.87
N ASN D 25 8.29 -9.31 -31.74
CA ASN D 25 7.92 -9.20 -33.15
C ASN D 25 6.45 -8.81 -33.29
N GLY D 26 5.98 -7.95 -32.40
CA GLY D 26 4.61 -7.50 -32.41
C GLY D 26 3.60 -8.50 -31.89
N LYS D 27 4.02 -9.69 -31.49
CA LYS D 27 3.12 -10.72 -30.98
C LYS D 27 3.04 -10.58 -29.47
N LYS D 28 1.90 -10.11 -28.98
CA LYS D 28 1.72 -9.89 -27.56
C LYS D 28 1.29 -11.18 -26.87
N PHE D 29 1.85 -11.42 -25.68
CA PHE D 29 1.52 -12.61 -24.92
C PHE D 29 1.56 -12.27 -23.44
N SER D 30 0.95 -13.15 -22.64
CA SER D 30 0.94 -13.01 -21.19
C SER D 30 1.19 -14.38 -20.56
N VAL D 31 2.08 -14.42 -19.58
CA VAL D 31 2.40 -15.64 -18.86
C VAL D 31 2.05 -15.44 -17.40
N ALA D 32 1.42 -16.44 -16.79
CA ALA D 32 1.09 -16.44 -15.38
C ALA D 32 1.55 -17.75 -14.77
N GLY D 33 2.32 -17.67 -13.68
CA GLY D 33 2.88 -18.87 -13.07
C GLY D 33 2.88 -18.79 -11.57
N LYS D 34 3.15 -19.94 -10.94
CA LYS D 34 3.24 -20.06 -9.50
C LYS D 34 4.09 -21.28 -9.15
N GLY D 35 4.70 -21.23 -7.98
CA GLY D 35 5.53 -22.32 -7.53
C GLY D 35 5.97 -22.12 -6.10
N ILE D 36 7.04 -22.81 -5.73
CA ILE D 36 7.61 -22.73 -4.40
C ILE D 36 9.13 -22.63 -4.53
N GLY D 37 9.73 -21.79 -3.70
CA GLY D 37 11.18 -21.66 -3.69
C GLY D 37 11.74 -21.89 -2.29
N ASP D 38 12.84 -22.63 -2.23
CA ASP D 38 13.50 -22.98 -0.97
C ASP D 38 14.96 -22.54 -1.07
N ALA D 39 15.28 -21.40 -0.45
CA ALA D 39 16.65 -20.88 -0.51
C ALA D 39 17.62 -21.68 0.34
N ASN D 40 17.12 -22.59 1.18
CA ASN D 40 18.02 -23.45 1.95
C ASN D 40 18.68 -24.50 1.07
N SER D 41 18.01 -24.93 0.00
CA SER D 41 18.55 -25.90 -0.92
C SER D 41 18.91 -25.32 -2.27
N GLY D 42 18.38 -24.15 -2.62
CA GLY D 42 18.57 -23.59 -3.94
C GLY D 42 17.60 -24.07 -4.98
N LYS D 43 16.57 -24.81 -4.59
CA LYS D 43 15.57 -25.33 -5.51
C LYS D 43 14.35 -24.43 -5.49
N PHE D 44 13.90 -24.01 -6.68
CA PHE D 44 12.60 -23.40 -6.82
C PHE D 44 11.94 -23.90 -8.10
N GLU D 45 10.70 -24.35 -7.98
CA GLU D 45 9.99 -25.03 -9.05
C GLU D 45 8.63 -24.36 -9.24
N GLY D 46 8.28 -24.07 -10.49
CA GLY D 46 7.01 -23.41 -10.78
C GLY D 46 6.43 -23.88 -12.09
N LYS D 47 5.12 -23.70 -12.21
CA LYS D 47 4.37 -24.01 -13.43
C LYS D 47 3.87 -22.70 -14.02
N HIS D 48 4.16 -22.48 -15.30
CA HIS D 48 3.85 -21.22 -15.97
C HIS D 48 3.02 -21.47 -17.22
N ILE D 49 1.96 -20.70 -17.38
CA ILE D 49 1.00 -20.88 -18.47
C ILE D 49 0.93 -19.60 -19.29
N CYS D 50 0.82 -19.76 -20.62
CA CYS D 50 0.58 -18.63 -21.52
C CYS D 50 -0.94 -18.44 -21.59
N THR D 51 -1.43 -17.41 -20.91
CA THR D 51 -2.87 -17.18 -20.82
C THR D 51 -3.47 -16.59 -22.08
N THR D 52 -2.65 -16.16 -23.04
CA THR D 52 -3.14 -15.60 -24.29
C THR D 52 -3.19 -16.62 -25.42
N GLY D 53 -2.84 -17.88 -25.15
CA GLY D 53 -2.85 -18.90 -26.18
C GLY D 53 -1.55 -19.70 -26.20
N ASP D 54 -0.90 -19.71 -27.35
CA ASP D 54 0.42 -20.32 -27.48
C ASP D 54 1.48 -19.25 -27.32
N LEU D 55 2.55 -19.60 -26.62
CA LEU D 55 3.67 -18.69 -26.49
C LEU D 55 4.32 -18.53 -27.86
N PRO D 56 4.53 -17.30 -28.34
CA PRO D 56 5.06 -17.12 -29.70
C PRO D 56 6.51 -17.52 -29.86
N ILE D 57 7.20 -17.89 -28.78
CA ILE D 57 8.61 -18.28 -28.82
C ILE D 57 8.79 -19.52 -27.96
N SER D 58 9.94 -20.17 -28.13
CA SER D 58 10.29 -21.33 -27.32
C SER D 58 10.31 -20.97 -25.84
N TRP D 59 9.80 -21.88 -25.00
CA TRP D 59 9.76 -21.62 -23.56
C TRP D 59 11.16 -21.40 -22.98
N GLY D 60 12.15 -22.11 -23.51
CA GLY D 60 13.52 -21.93 -23.03
C GLY D 60 14.02 -20.51 -23.20
N ALA D 61 13.50 -19.80 -24.19
CA ALA D 61 13.94 -18.44 -24.46
C ALA D 61 13.52 -17.45 -23.37
N ILE D 62 12.60 -17.82 -22.48
CA ILE D 62 12.22 -16.95 -21.36
C ILE D 62 12.30 -17.68 -20.03
N ALA D 63 12.83 -18.91 -20.05
CA ALA D 63 12.78 -19.78 -18.88
C ALA D 63 13.36 -19.09 -17.64
N CYS D 64 14.59 -18.58 -17.73
CA CYS D 64 15.26 -17.98 -16.59
C CYS D 64 14.91 -16.51 -16.43
N LEU D 65 13.76 -16.09 -16.94
CA LEU D 65 13.13 -14.84 -16.57
C LEU D 65 11.85 -15.03 -15.78
N LEU D 66 11.16 -16.09 -16.06
CA LEU D 66 10.07 -16.58 -15.22
C LEU D 66 10.71 -16.87 -13.81
N MET D 68 14.08 -15.41 -10.30
CA MET D 68 14.15 -15.09 -8.86
C MET D 68 15.42 -15.61 -8.21
N PRO D 69 16.55 -14.95 -8.47
CA PRO D 69 17.83 -15.37 -7.88
C PRO D 69 17.90 -15.24 -6.36
N CYS D 70 16.86 -14.70 -5.71
CA CYS D 70 16.83 -14.69 -4.26
C CYS D 70 16.70 -16.09 -3.68
N PHE D 71 16.16 -17.05 -4.44
CA PHE D 71 16.02 -18.42 -3.97
C PHE D 71 17.29 -19.23 -4.11
N ALA D 72 18.35 -18.67 -4.67
CA ALA D 72 19.61 -19.40 -4.78
C ALA D 72 20.20 -19.64 -3.40
N LYS D 73 20.84 -20.79 -3.24
CA LYS D 73 21.47 -21.16 -1.97
C LYS D 73 22.81 -20.45 -1.86
N TYR D 74 22.92 -19.48 -0.95
CA TYR D 74 24.15 -18.73 -0.80
C TYR D 74 24.93 -19.24 0.40
N PRO D 75 26.19 -19.61 0.20
CA PRO D 75 27.04 -19.98 1.35
C PRO D 75 27.38 -18.76 2.18
N ASN D 76 27.89 -19.03 3.38
CA ASN D 76 28.12 -17.95 4.33
C ASN D 76 29.31 -17.08 3.93
N ASP D 77 30.28 -17.65 3.19
CA ASP D 77 31.43 -16.90 2.71
C ASP D 77 31.15 -16.10 1.44
N VAL D 78 29.87 -15.88 1.12
CA VAL D 78 29.47 -15.06 -0.01
C VAL D 78 28.42 -14.07 0.46
N PRO D 79 28.66 -12.76 0.40
CA PRO D 79 27.64 -11.79 0.83
C PRO D 79 26.45 -11.81 -0.13
N ASP D 80 25.26 -12.02 0.43
CA ASP D 80 24.04 -12.19 -0.35
C ASP D 80 23.38 -10.83 -0.56
N TYR D 81 23.78 -10.15 -1.63
CA TYR D 81 23.23 -8.83 -1.93
C TYR D 81 21.77 -8.89 -2.32
N ILE D 82 21.38 -9.91 -3.11
CA ILE D 82 20.01 -9.98 -3.61
C ILE D 82 19.02 -10.13 -2.46
N LYS D 83 19.32 -11.02 -1.51
CA LYS D 83 18.44 -11.19 -0.36
C LYS D 83 18.42 -9.94 0.51
N SER D 84 19.55 -9.23 0.62
CA SER D 84 19.61 -8.06 1.49
C SER D 84 18.70 -6.93 1.00
N THR D 85 18.27 -6.97 -0.26
CA THR D 85 17.36 -5.93 -0.77
C THR D 85 15.95 -6.09 -0.24
N PHE D 86 15.66 -7.18 0.46
CA PHE D 86 14.33 -7.42 1.01
C PHE D 86 14.22 -6.81 2.39
N PRO D 87 12.99 -6.58 2.89
CA PRO D 87 11.66 -6.94 2.37
C PRO D 87 11.19 -6.14 1.15
N GLU D 88 11.82 -4.98 0.89
CA GLU D 88 11.35 -4.11 -0.19
C GLU D 88 11.44 -4.81 -1.54
N GLY D 89 12.50 -5.58 -1.76
CA GLY D 89 12.69 -6.29 -3.01
C GLY D 89 13.69 -5.61 -3.91
N PHE D 90 13.82 -6.17 -5.11
CA PHE D 90 14.79 -5.70 -6.08
C PHE D 90 14.17 -5.66 -7.47
N GLN D 91 14.92 -5.06 -8.39
CA GLN D 91 14.52 -4.94 -9.78
CA GLN D 91 14.52 -4.88 -9.78
C GLN D 91 15.69 -5.29 -10.67
N ARG D 92 15.39 -6.01 -11.76
CA ARG D 92 16.44 -6.50 -12.66
C ARG D 92 16.05 -6.19 -14.09
N GLU D 93 16.91 -5.46 -14.78
CA GLU D 93 16.75 -5.21 -16.21
C GLU D 93 17.74 -6.08 -16.97
N SER D 94 17.27 -6.72 -18.02
CA SER D 94 18.05 -7.73 -18.74
C SER D 94 18.00 -7.44 -20.23
N LEU D 95 19.16 -7.54 -20.87
CA LEU D 95 19.27 -7.53 -22.33
C LEU D 95 19.58 -8.96 -22.75
N VAL D 96 18.63 -9.59 -23.43
CA VAL D 96 18.73 -10.98 -23.84
C VAL D 96 18.93 -11.00 -25.35
N GLU D 97 20.05 -11.55 -25.79
CA GLU D 97 20.42 -11.58 -27.20
C GLU D 97 20.56 -13.03 -27.65
N PHE D 98 19.93 -13.36 -28.78
CA PHE D 98 19.95 -14.70 -29.33
C PHE D 98 20.84 -14.73 -30.57
N GLY D 99 21.63 -15.80 -30.69
CA GLY D 99 22.58 -15.91 -31.79
C GLY D 99 21.89 -16.00 -33.13
N ASN D 100 22.31 -15.16 -34.07
CA ASN D 100 21.74 -15.08 -35.41
CA ASN D 100 21.74 -15.08 -35.41
C ASN D 100 20.22 -14.90 -35.37
N ASP D 101 19.70 -14.41 -34.26
CA ASP D 101 18.27 -14.16 -34.12
C ASP D 101 18.13 -12.82 -33.40
N GLY D 102 16.94 -12.56 -32.85
CA GLY D 102 16.63 -11.26 -32.32
C GLY D 102 17.07 -11.08 -30.87
N ARG D 103 16.76 -9.90 -30.33
CA ARG D 103 17.05 -9.56 -28.95
CA ARG D 103 17.06 -9.54 -28.95
C ARG D 103 15.83 -8.92 -28.31
N TYR D 104 15.64 -9.19 -27.02
CA TYR D 104 14.56 -8.57 -26.28
C TYR D 104 15.11 -8.00 -24.97
N ILE D 105 14.35 -7.07 -24.40
CA ILE D 105 14.70 -6.41 -23.15
C ILE D 105 13.63 -6.76 -22.12
N ALA D 106 14.07 -7.15 -20.93
CA ALA D 106 13.17 -7.49 -19.84
C ALA D 106 13.39 -6.55 -18.66
N LYS D 107 12.29 -6.15 -18.04
CA LYS D 107 12.30 -5.40 -16.80
C LYS D 107 11.38 -6.13 -15.84
N GLN D 108 11.86 -6.42 -14.63
CA GLN D 108 11.04 -7.16 -13.68
C GLN D 108 11.32 -6.66 -12.27
N LYS D 109 10.31 -6.79 -11.40
CA LYS D 109 10.41 -6.43 -10.00
C LYS D 109 10.04 -7.66 -9.18
N VAL D 110 10.95 -8.09 -8.32
CA VAL D 110 10.75 -9.24 -7.44
C VAL D 110 10.53 -8.70 -6.03
N THR D 111 9.32 -8.86 -5.51
CA THR D 111 8.93 -8.32 -4.21
C THR D 111 8.46 -9.43 -3.29
N LEU D 112 8.40 -9.10 -2.00
CA LEU D 112 7.88 -9.97 -0.95
C LEU D 112 6.62 -9.34 -0.39
N GLU D 113 5.47 -9.96 -0.63
CA GLU D 113 4.18 -9.42 -0.20
C GLU D 113 3.44 -10.49 0.55
N ASN D 114 3.20 -10.25 1.85
CA ASN D 114 2.49 -11.19 2.73
C ASN D 114 3.07 -12.60 2.65
N GLY D 115 4.40 -12.68 2.70
CA GLY D 115 5.07 -13.97 2.68
C GLY D 115 5.03 -14.70 1.36
N ILE D 116 4.81 -13.99 0.25
CA ILE D 116 4.83 -14.59 -1.08
C ILE D 116 5.77 -13.75 -1.94
N ILE D 117 6.61 -14.41 -2.73
CA ILE D 117 7.49 -13.73 -3.66
C ILE D 117 6.73 -13.49 -4.97
N TYR D 118 6.74 -12.24 -5.44
CA TYR D 118 6.06 -11.87 -6.67
C TYR D 118 7.09 -11.43 -7.71
N ASN D 119 7.14 -12.15 -8.83
CA ASN D 119 8.01 -11.81 -9.96
C ASN D 119 7.12 -11.22 -11.05
N ARG D 120 7.12 -9.88 -11.15
CA ARG D 120 6.30 -9.17 -12.12
C ARG D 120 7.22 -8.49 -13.13
N GLY D 121 7.10 -8.89 -14.41
CA GLY D 121 8.03 -8.42 -15.42
C GLY D 121 7.38 -8.20 -16.77
N THR D 122 8.15 -7.61 -17.67
CA THR D 122 7.74 -7.35 -19.04
C THR D 122 8.88 -7.71 -20.00
N ILE D 123 8.52 -8.26 -21.16
CA ILE D 123 9.47 -8.66 -22.20
C ILE D 123 9.08 -7.93 -23.48
N THR D 124 10.06 -7.28 -24.11
CA THR D 124 9.80 -6.54 -25.35
C THR D 124 10.98 -6.68 -26.29
N GLY D 125 10.75 -7.21 -27.49
CA GLY D 125 11.83 -7.40 -28.44
C GLY D 125 11.31 -7.46 -29.87
N ASP D 126 12.26 -7.40 -30.80
CA ASP D 126 11.95 -7.47 -32.22
C ASP D 126 13.20 -7.95 -32.96
N GLY D 127 13.08 -8.07 -34.28
CA GLY D 127 14.19 -8.51 -35.10
C GLY D 127 14.43 -10.01 -35.11
N PHE D 128 13.47 -10.80 -34.65
CA PHE D 128 13.62 -12.25 -34.64
C PHE D 128 13.26 -12.83 -36.00
N ASN D 129 13.99 -13.88 -36.39
CA ASN D 129 13.74 -14.54 -37.66
C ASN D 129 12.41 -15.29 -37.57
N GLU D 130 11.42 -14.85 -38.36
CA GLU D 130 10.12 -15.49 -38.35
C GLU D 130 10.17 -16.93 -38.85
N ASN D 131 11.21 -17.30 -39.59
CA ASN D 131 11.43 -18.68 -40.01
C ASN D 131 12.51 -19.37 -39.19
N GLY D 132 12.86 -18.81 -38.03
CA GLY D 132 13.89 -19.40 -37.20
C GLY D 132 13.33 -20.33 -36.14
N LYS D 133 14.24 -21.09 -35.52
CA LYS D 133 13.82 -22.11 -34.56
C LYS D 133 13.20 -21.53 -33.30
N ILE D 134 13.45 -20.26 -33.00
CA ILE D 134 12.88 -19.66 -31.80
C ILE D 134 11.41 -19.32 -32.00
N MET D 135 11.10 -18.61 -33.09
CA MET D 135 9.72 -18.20 -33.35
C MET D 135 8.87 -19.33 -33.90
N ARG D 136 9.48 -20.34 -34.52
CA ARG D 136 8.77 -21.53 -34.97
C ARG D 136 8.71 -22.62 -33.90
N ARG D 137 9.26 -22.34 -32.72
CA ARG D 137 9.21 -23.25 -31.57
C ARG D 137 9.71 -24.64 -31.96
N GLU D 138 10.88 -24.66 -32.60
CA GLU D 138 11.54 -25.89 -33.01
C GLU D 138 12.66 -26.28 -32.07
N LEU D 139 12.99 -25.44 -31.09
CA LEU D 139 13.98 -25.77 -30.08
C LEU D 139 13.37 -26.72 -29.05
N GLN D 140 14.21 -27.57 -28.49
CA GLN D 140 13.75 -28.41 -27.39
C GLN D 140 13.53 -27.56 -26.14
N ASP D 141 12.69 -28.08 -25.24
CA ASP D 141 12.54 -27.49 -23.92
C ASP D 141 13.59 -28.08 -22.98
N LYS D 142 14.84 -27.79 -23.32
CA LYS D 142 16.01 -28.32 -22.62
C LYS D 142 17.10 -27.26 -22.64
N VAL D 143 17.59 -26.88 -21.46
CA VAL D 143 18.63 -25.87 -21.32
C VAL D 143 19.82 -26.50 -20.63
N ALA D 144 21.01 -26.26 -21.17
CA ALA D 144 22.23 -26.83 -20.63
C ALA D 144 22.61 -26.15 -19.31
N PRO D 145 23.40 -26.82 -18.47
CA PRO D 145 23.82 -26.20 -17.21
C PRO D 145 24.57 -24.90 -17.44
N MET D 146 24.58 -24.05 -16.42
CA MET D 146 25.13 -22.70 -16.53
C MET D 146 26.02 -22.38 -15.35
N LEU D 147 26.96 -21.47 -15.60
CA LEU D 147 27.62 -20.70 -14.55
C LEU D 147 27.47 -19.23 -14.91
N THR D 148 27.02 -18.44 -13.94
CA THR D 148 26.73 -17.03 -14.16
C THR D 148 27.64 -16.17 -13.29
N TYR D 149 28.07 -15.04 -13.85
CA TYR D 149 29.02 -14.16 -13.17
C TYR D 149 28.26 -13.02 -12.51
N TYR D 150 28.54 -12.76 -11.24
CA TYR D 150 28.02 -11.62 -10.53
C TYR D 150 29.19 -10.75 -10.08
N TYR D 151 29.00 -9.44 -10.18
CA TYR D 151 30.06 -8.50 -9.81
C TYR D 151 29.48 -7.09 -9.72
N PRO D 152 30.06 -6.21 -8.90
CA PRO D 152 29.50 -4.86 -8.75
C PRO D 152 29.75 -4.00 -9.97
N GLU D 153 28.77 -3.17 -10.30
CA GLU D 153 28.90 -2.18 -11.36
C GLU D 153 28.01 -1.00 -11.02
N ASP D 154 28.59 0.21 -11.01
CA ASP D 154 27.91 1.44 -10.60
C ASP D 154 27.42 1.23 -9.18
N ASP D 155 26.13 1.38 -8.88
CA ASP D 155 25.59 1.16 -7.55
C ASP D 155 24.67 -0.05 -7.50
N GLY D 156 24.82 -0.98 -8.44
CA GLY D 156 24.03 -2.20 -8.42
C GLY D 156 24.89 -3.43 -8.62
N LEU D 157 24.25 -4.59 -8.75
CA LEU D 157 24.96 -5.85 -8.99
C LEU D 157 24.67 -6.27 -10.43
N LYS D 158 25.73 -6.41 -11.22
CA LYS D 158 25.59 -6.83 -12.61
C LYS D 158 25.77 -8.33 -12.72
N CYS D 159 25.09 -8.92 -13.69
CA CYS D 159 25.16 -10.36 -13.93
C CYS D 159 25.23 -10.63 -15.42
N ILE D 160 26.22 -11.42 -15.83
CA ILE D 160 26.41 -11.80 -17.23
C ILE D 160 26.61 -13.30 -17.30
N PHE D 161 26.06 -13.92 -18.34
CA PHE D 161 26.17 -15.36 -18.52
C PHE D 161 25.63 -15.72 -19.90
N ASN D 162 25.89 -16.97 -20.29
CA ASN D 162 25.36 -17.53 -21.52
C ASN D 162 24.46 -18.72 -21.20
N GLN D 163 23.61 -19.04 -22.18
CA GLN D 163 22.68 -20.15 -22.07
C GLN D 163 22.68 -20.89 -23.39
N LEU D 164 22.52 -22.20 -23.33
CA LEU D 164 22.42 -23.04 -24.52
C LEU D 164 21.13 -23.83 -24.47
N ILE D 165 20.24 -23.56 -25.42
CA ILE D 165 18.99 -24.30 -25.57
C ILE D 165 19.21 -25.34 -26.67
N ASN D 166 18.92 -26.59 -26.35
CA ASN D 166 19.12 -27.66 -27.32
C ASN D 166 18.17 -27.49 -28.49
N GLY D 167 18.70 -27.76 -29.69
CA GLY D 167 17.88 -27.82 -30.89
C GLY D 167 17.56 -29.27 -31.20
N ASN D 168 16.82 -29.45 -32.30
N ASN D 168 16.81 -29.46 -32.29
CA ASN D 168 16.40 -30.79 -32.66
CA ASN D 168 16.40 -30.80 -32.66
C ASN D 168 17.47 -31.56 -33.43
C ASN D 168 17.49 -31.56 -33.41
N ASN D 169 18.32 -30.86 -34.18
CA ASN D 169 19.33 -31.58 -34.96
CA ASN D 169 19.34 -31.54 -34.98
C ASN D 169 20.73 -31.40 -34.37
N GLU D 170 20.90 -31.81 -33.11
CA GLU D 170 22.20 -31.83 -32.44
C GLU D 170 22.87 -30.46 -32.44
N ASP D 171 22.08 -29.41 -32.52
CA ASP D 171 22.56 -28.04 -32.55
C ASP D 171 22.12 -27.34 -31.27
N PHE D 172 22.60 -26.11 -31.10
CA PHE D 172 22.25 -25.33 -29.93
C PHE D 172 21.94 -23.90 -30.35
N GLN D 173 21.05 -23.27 -29.59
CA GLN D 173 20.73 -21.86 -29.74
C GLN D 173 21.36 -21.11 -28.58
N GLU D 174 22.14 -20.08 -28.90
CA GLU D 174 22.90 -19.36 -27.88
CA GLU D 174 22.90 -19.36 -27.88
C GLU D 174 22.09 -18.18 -27.35
N VAL D 175 22.04 -18.07 -26.03
CA VAL D 175 21.38 -16.97 -25.35
C VAL D 175 22.43 -16.23 -24.54
N LYS D 176 22.53 -14.93 -24.78
CA LYS D 176 23.49 -14.09 -24.08
C LYS D 176 22.72 -13.04 -23.29
N MET D 177 22.93 -13.02 -21.98
CA MET D 177 22.18 -12.15 -21.08
C MET D 177 23.11 -11.18 -20.39
N SER D 178 22.63 -9.95 -20.20
CA SER D 178 23.36 -8.91 -19.51
C SER D 178 22.36 -8.23 -18.59
N GLN D 179 22.50 -8.44 -17.29
CA GLN D 179 21.48 -8.06 -16.33
C GLN D 179 22.06 -7.07 -15.33
N LYS D 180 21.17 -6.28 -14.75
CA LYS D 180 21.56 -5.26 -13.76
C LYS D 180 20.54 -5.31 -12.63
N ILE D 181 20.98 -5.75 -11.45
CA ILE D 181 20.10 -5.83 -10.28
C ILE D 181 20.34 -4.58 -9.45
N THR D 182 19.26 -3.90 -9.09
CA THR D 182 19.26 -2.70 -8.28
C THR D 182 18.15 -2.81 -7.24
N PRO D 183 18.33 -2.18 -6.07
CA PRO D 183 17.32 -2.28 -5.02
C PRO D 183 16.11 -1.42 -5.33
N LEU D 184 14.96 -1.85 -4.82
CA LEU D 184 13.73 -1.07 -4.96
C LEU D 184 13.62 0.04 -3.93
N SER D 185 14.51 0.07 -2.94
CA SER D 185 14.51 1.11 -1.91
C SER D 185 15.95 1.54 -1.68
N ASP D 186 16.11 2.73 -1.10
CA ASP D 186 17.44 3.23 -0.75
C ASP D 186 17.91 2.77 0.63
N GLY D 187 17.44 1.60 1.09
CA GLY D 187 17.84 1.08 2.36
C GLY D 187 19.21 0.42 2.32
N PRO D 188 19.65 -0.10 3.45
CA PRO D 188 20.95 -0.76 3.50
C PRO D 188 20.94 -2.12 2.83
N THR D 189 22.05 -2.45 2.17
CA THR D 189 22.22 -3.72 1.47
C THR D 189 23.56 -4.33 1.83
N ALA D 190 23.69 -5.62 1.53
CA ALA D 190 24.92 -6.35 1.78
C ALA D 190 25.98 -5.97 0.75
N PRO D 191 27.25 -6.32 0.98
CA PRO D 191 28.30 -5.94 0.02
C PRO D 191 28.12 -6.62 -1.33
N ARG D 192 28.49 -5.88 -2.37
CA ARG D 192 28.45 -6.34 -3.75
C ARG D 192 29.84 -6.85 -4.12
N LYS D 193 30.00 -8.17 -4.19
CA LYS D 193 31.30 -8.79 -4.43
C LYS D 193 31.20 -9.79 -5.56
N LEU D 194 32.33 -9.98 -6.25
CA LEU D 194 32.42 -10.97 -7.31
C LEU D 194 32.10 -12.37 -6.78
N HIS D 195 31.17 -13.05 -7.45
CA HIS D 195 30.84 -14.43 -7.12
C HIS D 195 30.06 -15.01 -8.30
N TYR D 196 29.83 -16.31 -8.24
CA TYR D 196 29.20 -17.05 -9.32
C TYR D 196 27.96 -17.79 -8.82
N GLN D 197 27.12 -18.19 -9.77
CA GLN D 197 25.98 -19.04 -9.48
C GLN D 197 26.00 -20.24 -10.41
N HIS D 198 25.88 -21.43 -9.82
CA HIS D 198 25.81 -22.69 -10.55
C HIS D 198 24.33 -23.08 -10.67
N ILE D 199 23.79 -23.03 -11.88
CA ILE D 199 22.37 -23.20 -12.13
C ILE D 199 22.15 -24.35 -13.09
N THR D 200 21.14 -25.18 -12.79
CA THR D 200 20.68 -26.22 -13.70
C THR D 200 19.17 -26.09 -13.83
N LEU D 201 18.68 -26.11 -15.07
CA LEU D 201 17.26 -26.01 -15.34
C LEU D 201 16.75 -27.31 -15.96
N ASP D 202 15.57 -27.74 -15.54
CA ASP D 202 14.87 -28.86 -16.14
C ASP D 202 13.46 -28.41 -16.49
N LEU D 203 13.16 -28.35 -17.78
CA LEU D 203 11.85 -27.97 -18.27
C LEU D 203 11.07 -29.23 -18.65
N ARG D 204 9.85 -29.35 -18.14
CA ARG D 204 8.99 -30.49 -18.44
C ARG D 204 7.55 -29.99 -18.54
N LYS D 205 6.64 -30.91 -18.85
CA LYS D 205 5.24 -30.58 -19.09
C LYS D 205 4.36 -31.34 -18.10
N ASP D 206 3.28 -30.70 -17.68
CA ASP D 206 2.23 -31.34 -16.89
C ASP D 206 1.23 -32.01 -17.82
N SER D 207 0.99 -33.31 -17.58
CA SER D 207 0.05 -34.06 -18.41
C SER D 207 -1.36 -33.48 -18.32
N SER D 208 -1.75 -32.98 -17.16
CA SER D 208 -3.12 -32.54 -16.93
C SER D 208 -3.41 -31.15 -17.49
N GLU D 209 -2.39 -30.40 -17.89
CA GLU D 209 -2.57 -29.02 -18.32
C GLU D 209 -2.83 -28.98 -19.81
N ALA D 210 -4.00 -28.45 -20.19
CA ALA D 210 -4.34 -28.31 -21.61
C ALA D 210 -3.69 -27.08 -22.24
N ALA D 211 -3.51 -26.01 -21.45
CA ALA D 211 -2.93 -24.78 -21.97
C ALA D 211 -1.46 -24.97 -22.31
N ASP D 212 -0.95 -24.05 -23.14
CA ASP D 212 0.47 -24.02 -23.44
C ASP D 212 1.23 -23.56 -22.20
N HIS D 213 2.15 -24.40 -21.72
CA HIS D 213 2.74 -24.19 -20.40
C HIS D 213 4.14 -24.80 -20.37
N ILE D 214 4.83 -24.59 -19.25
CA ILE D 214 6.10 -25.26 -18.97
C ILE D 214 6.28 -25.33 -17.46
N VAL D 215 6.96 -26.38 -17.01
CA VAL D 215 7.26 -26.59 -15.59
C VAL D 215 8.76 -26.53 -15.42
N ILE D 216 9.23 -25.50 -14.72
CA ILE D 216 10.65 -25.22 -14.57
C ILE D 216 11.11 -25.68 -13.20
N THR D 217 12.03 -26.65 -13.17
CA THR D 217 12.71 -27.06 -11.94
C THR D 217 14.13 -26.49 -11.98
N GLU D 218 14.41 -25.52 -11.12
CA GLU D 218 15.69 -24.84 -11.10
C GLU D 218 16.43 -25.14 -9.80
N ASN D 219 17.73 -25.40 -9.91
CA ASN D 219 18.60 -25.64 -8.76
C ASN D 219 19.78 -24.69 -8.88
N ALA D 220 19.83 -23.68 -8.01
CA ALA D 220 20.83 -22.63 -8.07
C ALA D 220 21.69 -22.62 -6.81
N LYS D 221 23.00 -22.50 -6.99
CA LYS D 221 23.96 -22.45 -5.91
C LYS D 221 24.95 -21.31 -6.15
N ALA D 222 25.23 -20.54 -5.11
CA ALA D 222 26.23 -19.50 -5.21
C ALA D 222 27.59 -20.06 -4.79
N VAL D 223 28.63 -19.58 -5.45
CA VAL D 223 30.00 -20.02 -5.19
C VAL D 223 30.88 -18.79 -5.09
N SER D 224 31.73 -18.73 -4.07
CA SER D 224 32.74 -17.69 -4.02
C SER D 224 33.80 -17.95 -5.07
N ALA D 225 34.49 -16.89 -5.48
CA ALA D 225 35.54 -17.06 -6.47
C ALA D 225 36.68 -17.90 -5.92
N GLU D 226 36.88 -17.87 -4.60
CA GLU D 226 37.94 -18.66 -3.99
C GLU D 226 37.63 -20.15 -4.04
N LYS D 227 36.40 -20.53 -3.69
CA LYS D 227 36.03 -21.93 -3.72
C LYS D 227 35.79 -22.43 -5.13
N TYR D 228 35.27 -21.58 -6.02
CA TYR D 228 35.13 -21.97 -7.41
C TYR D 228 36.49 -22.26 -8.04
N ALA D 229 37.48 -21.43 -7.72
CA ALA D 229 38.82 -21.63 -8.28
C ALA D 229 39.41 -22.97 -7.87
N LYS D 230 39.10 -23.43 -6.66
CA LYS D 230 39.62 -24.69 -6.12
C LYS D 230 38.65 -25.84 -6.33
N ALA D 231 37.98 -25.92 -7.49
CA ALA D 231 36.90 -26.87 -7.67
C ALA D 231 37.42 -28.14 -8.32
N CYS D 232 36.93 -29.28 -7.83
CA CYS D 232 37.25 -30.59 -8.37
C CYS D 232 35.97 -31.24 -8.86
N PHE D 233 35.98 -31.69 -10.10
CA PHE D 233 34.78 -32.27 -10.70
C PHE D 233 34.98 -33.77 -10.95
#